data_4MT2
# 
_entry.id   4MT2 
# 
_audit_conform.dict_name       mmcif_pdbx.dic 
_audit_conform.dict_version    5.399 
_audit_conform.dict_location   http://mmcif.pdb.org/dictionaries/ascii/mmcif_pdbx.dic 
# 
loop_
_database_2.database_id 
_database_2.database_code 
_database_2.pdbx_database_accession 
_database_2.pdbx_DOI 
PDB   4MT2         pdb_00004mt2 10.2210/pdb4mt2/pdb 
WWPDB D_1000179373 ?            ?                   
# 
loop_
_pdbx_audit_revision_history.ordinal 
_pdbx_audit_revision_history.data_content_type 
_pdbx_audit_revision_history.major_revision 
_pdbx_audit_revision_history.minor_revision 
_pdbx_audit_revision_history.revision_date 
1 'Structure model' 1 0 1993-07-15 
2 'Structure model' 1 1 2008-03-25 
3 'Structure model' 1 2 2011-07-13 
4 'Structure model' 1 3 2017-11-29 
5 'Structure model' 1 4 2024-11-20 
# 
_pdbx_audit_revision_details.ordinal             1 
_pdbx_audit_revision_details.revision_ordinal    1 
_pdbx_audit_revision_details.data_content_type   'Structure model' 
_pdbx_audit_revision_details.provider            repository 
_pdbx_audit_revision_details.type                'Initial release' 
_pdbx_audit_revision_details.description         ? 
_pdbx_audit_revision_details.details             ? 
# 
loop_
_pdbx_audit_revision_group.ordinal 
_pdbx_audit_revision_group.revision_ordinal 
_pdbx_audit_revision_group.data_content_type 
_pdbx_audit_revision_group.group 
1 2 'Structure model' 'Version format compliance' 
2 3 'Structure model' 'Derived calculations'      
3 3 'Structure model' 'Version format compliance' 
4 4 'Structure model' 'Derived calculations'      
5 4 'Structure model' Other                       
6 5 'Structure model' 'Data collection'           
7 5 'Structure model' 'Database references'       
8 5 'Structure model' 'Derived calculations'      
9 5 'Structure model' 'Structure summary'         
# 
loop_
_pdbx_audit_revision_category.ordinal 
_pdbx_audit_revision_category.revision_ordinal 
_pdbx_audit_revision_category.data_content_type 
_pdbx_audit_revision_category.category 
1  4 'Structure model' pdbx_database_status      
2  4 'Structure model' struct_conf               
3  4 'Structure model' struct_conf_type          
4  5 'Structure model' chem_comp_atom            
5  5 'Structure model' chem_comp_bond            
6  5 'Structure model' database_2                
7  5 'Structure model' pdbx_entry_details        
8  5 'Structure model' pdbx_modification_feature 
9  5 'Structure model' pdbx_struct_conn_angle    
10 5 'Structure model' struct_conn               
11 5 'Structure model' struct_site               
# 
loop_
_pdbx_audit_revision_item.ordinal 
_pdbx_audit_revision_item.revision_ordinal 
_pdbx_audit_revision_item.data_content_type 
_pdbx_audit_revision_item.item 
1  4 'Structure model' '_pdbx_database_status.process_site'           
2  5 'Structure model' '_database_2.pdbx_DOI'                         
3  5 'Structure model' '_database_2.pdbx_database_accession'          
4  5 'Structure model' '_pdbx_entry_details.has_protein_modification' 
5  5 'Structure model' '_pdbx_struct_conn_angle.ptnr1_auth_comp_id'   
6  5 'Structure model' '_pdbx_struct_conn_angle.ptnr1_auth_seq_id'    
7  5 'Structure model' '_pdbx_struct_conn_angle.ptnr1_label_asym_id'  
8  5 'Structure model' '_pdbx_struct_conn_angle.ptnr1_label_atom_id'  
9  5 'Structure model' '_pdbx_struct_conn_angle.ptnr1_label_comp_id'  
10 5 'Structure model' '_pdbx_struct_conn_angle.ptnr1_label_seq_id'   
11 5 'Structure model' '_pdbx_struct_conn_angle.ptnr1_symmetry'       
12 5 'Structure model' '_pdbx_struct_conn_angle.ptnr2_auth_comp_id'   
13 5 'Structure model' '_pdbx_struct_conn_angle.ptnr2_auth_seq_id'    
14 5 'Structure model' '_pdbx_struct_conn_angle.ptnr2_label_asym_id'  
15 5 'Structure model' '_pdbx_struct_conn_angle.ptnr2_label_atom_id'  
16 5 'Structure model' '_pdbx_struct_conn_angle.ptnr2_label_comp_id'  
17 5 'Structure model' '_pdbx_struct_conn_angle.ptnr3_auth_comp_id'   
18 5 'Structure model' '_pdbx_struct_conn_angle.ptnr3_auth_seq_id'    
19 5 'Structure model' '_pdbx_struct_conn_angle.ptnr3_label_asym_id'  
20 5 'Structure model' '_pdbx_struct_conn_angle.ptnr3_label_atom_id'  
21 5 'Structure model' '_pdbx_struct_conn_angle.ptnr3_label_comp_id'  
22 5 'Structure model' '_pdbx_struct_conn_angle.ptnr3_label_seq_id'   
23 5 'Structure model' '_pdbx_struct_conn_angle.ptnr3_symmetry'       
24 5 'Structure model' '_pdbx_struct_conn_angle.value'                
25 5 'Structure model' '_struct_conn.pdbx_dist_value'                 
26 5 'Structure model' '_struct_conn.pdbx_leaving_atom_flag'          
27 5 'Structure model' '_struct_conn.ptnr1_auth_comp_id'              
28 5 'Structure model' '_struct_conn.ptnr1_auth_seq_id'               
29 5 'Structure model' '_struct_conn.ptnr1_label_asym_id'             
30 5 'Structure model' '_struct_conn.ptnr1_label_atom_id'             
31 5 'Structure model' '_struct_conn.ptnr1_label_comp_id'             
32 5 'Structure model' '_struct_conn.ptnr1_label_seq_id'              
33 5 'Structure model' '_struct_conn.ptnr1_symmetry'                  
34 5 'Structure model' '_struct_conn.ptnr2_auth_comp_id'              
35 5 'Structure model' '_struct_conn.ptnr2_auth_seq_id'               
36 5 'Structure model' '_struct_conn.ptnr2_label_asym_id'             
37 5 'Structure model' '_struct_conn.ptnr2_label_atom_id'             
38 5 'Structure model' '_struct_conn.ptnr2_label_comp_id'             
39 5 'Structure model' '_struct_conn.ptnr2_label_seq_id'              
40 5 'Structure model' '_struct_conn.ptnr2_symmetry'                  
41 5 'Structure model' '_struct_site.pdbx_auth_asym_id'               
42 5 'Structure model' '_struct_site.pdbx_auth_comp_id'               
43 5 'Structure model' '_struct_site.pdbx_auth_seq_id'                
# 
_pdbx_database_PDB_obs_spr.id               SPRSDE 
_pdbx_database_PDB_obs_spr.date             2013-03-20 
_pdbx_database_PDB_obs_spr.pdb_id           4MT2 
_pdbx_database_PDB_obs_spr.replace_pdb_id   2MT2 
_pdbx_database_PDB_obs_spr.details          ? 
# 
_pdbx_database_status.status_code                     REL 
_pdbx_database_status.entry_id                        4MT2 
_pdbx_database_status.recvd_initial_deposition_date   1993-02-26 
_pdbx_database_status.deposit_site                    ? 
_pdbx_database_status.process_site                    BNL 
_pdbx_database_status.SG_entry                        . 
_pdbx_database_status.status_code_sf                  ? 
_pdbx_database_status.status_code_mr                  ? 
_pdbx_database_status.status_code_cs                  ? 
_pdbx_database_status.methods_development_category    ? 
_pdbx_database_status.pdb_format_compatible           Y 
_pdbx_database_status.status_code_nmr_data            ? 
# 
loop_
_audit_author.name 
_audit_author.pdbx_ordinal 
'Robbins, A.H.' 1 
'Stout, C.D.'   2 
# 
loop_
_citation.id 
_citation.title 
_citation.journal_abbrev 
_citation.journal_volume 
_citation.page_first 
_citation.page_last 
_citation.year 
_citation.journal_id_ASTM 
_citation.country 
_citation.journal_id_ISSN 
_citation.journal_id_CSD 
_citation.book_publisher 
_citation.pdbx_database_id_PubMed 
_citation.pdbx_database_id_DOI 
primary 'Comparison of the NMR solution structure and the x-ray crystal structure of rat metallothionein-2.' 
Proc.Natl.Acad.Sci.USA 89  10124 10128 1992 PNASA6 US 0027-8424 0040 ? 1438200 10.1073/pnas.89.21.10124 
1       'Refined Crystal Structure of Cd, Zn Metallothionein at 2.0 Angstroms Resolution'                    J.Mol.Biol. 221 1269  
?     1991 JMOBAK UK 0022-2836 0070 ? ?       ?                        
2       'Crystal Structure Ofcd,Zn Metallothionein'                                                          Science 231 704   ? 
1986 SCIEAS US 0036-8075 0038 ? ?       ?                        
3       'Single Crystals of Cadmium, Zinc Metallothionein'                                                   J.Biol.Chem. 258 6255 
?     1983 JBCHA3 US 0021-9258 0071 ? ?       ?                        
# 
loop_
_citation_author.citation_id 
_citation_author.name 
_citation_author.ordinal 
_citation_author.identifier_ORCID 
primary 'Braun, W.'                  1  ? 
primary 'Vasak, M.'                  2  ? 
primary 'Robbins, A.H.'              3  ? 
primary 'Stout, C.D.'                4  ? 
primary 'Wagner, G.'                 5  ? 
primary 'Kagi, J.H.'                 6  ? 
primary 'Wuthrich, K.'               7  ? 
1       'Robbins, A.H.'              8  ? 
1       'Mcree, D.E.'                9  ? 
1       'Collett, M.Williamson S.A.' 10 ? 
1       'Xoung, N.H.'                11 ? 
1       'Furey, W.F.'                12 ? 
1       'Wang, B.C.'                 13 ? 
1       'Stout, C.D.'                14 ? 
2       'Furey, W.F.'                15 ? 
2       'Robbins, A.H.'              16 ? 
2       'Clancy, L.L.'               17 ? 
2       'Winge, D.R.'                18 ? 
2       'Wang, B.-C.'                19 ? 
2       'Stout, C.D.'                20 ? 
3       'Melis, K.A.'                21 ? 
3       'Carter, D.C.'               22 ? 
3       'Stout, C.D.'                23 ? 
3       'Winge, D.R.'                24 ? 
# 
loop_
_entity.id 
_entity.type 
_entity.src_method 
_entity.pdbx_description 
_entity.formula_weight 
_entity.pdbx_number_of_molecules 
_entity.pdbx_ec 
_entity.pdbx_mutation 
_entity.pdbx_fragment 
_entity.details 
1 polymer     man 'METALLOTHIONEIN ISOFORM II' 6179.380 1  ? ? ? ? 
2 non-polymer syn 'CADMIUM ION'                112.411  5  ? ? ? ? 
3 non-polymer syn 'ZINC ION'                   65.409   2  ? ? ? ? 
4 non-polymer syn 'SODIUM ION'                 22.990   1  ? ? ? ? 
5 water       nat water                        18.015   69 ? ? ? ? 
# 
_entity_poly.entity_id                      1 
_entity_poly.type                           'polypeptide(L)' 
_entity_poly.nstd_linkage                   no 
_entity_poly.nstd_monomer                   yes 
_entity_poly.pdbx_seq_one_letter_code       '(ACE)MDPNCSCATDGSCSCAGSCKCKQCKCTSCKKSCCSCCPVGCAKCSQGCICKEASDKCSCCA' 
_entity_poly.pdbx_seq_one_letter_code_can   XMDPNCSCATDGSCSCAGSCKCKQCKCTSCKKSCCSCCPVGCAKCSQGCICKEASDKCSCCA 
_entity_poly.pdbx_strand_id                 A 
_entity_poly.pdbx_target_identifier         ? 
# 
loop_
_pdbx_entity_nonpoly.entity_id 
_pdbx_entity_nonpoly.name 
_pdbx_entity_nonpoly.comp_id 
2 'CADMIUM ION' CD  
3 'ZINC ION'    ZN  
4 'SODIUM ION'  NA  
5 water         HOH 
# 
loop_
_entity_poly_seq.entity_id 
_entity_poly_seq.num 
_entity_poly_seq.mon_id 
_entity_poly_seq.hetero 
1 1  ACE n 
1 2  MET n 
1 3  ASP n 
1 4  PRO n 
1 5  ASN n 
1 6  CYS n 
1 7  SER n 
1 8  CYS n 
1 9  ALA n 
1 10 THR n 
1 11 ASP n 
1 12 GLY n 
1 13 SER n 
1 14 CYS n 
1 15 SER n 
1 16 CYS n 
1 17 ALA n 
1 18 GLY n 
1 19 SER n 
1 20 CYS n 
1 21 LYS n 
1 22 CYS n 
1 23 LYS n 
1 24 GLN n 
1 25 CYS n 
1 26 LYS n 
1 27 CYS n 
1 28 THR n 
1 29 SER n 
1 30 CYS n 
1 31 LYS n 
1 32 LYS n 
1 33 SER n 
1 34 CYS n 
1 35 CYS n 
1 36 SER n 
1 37 CYS n 
1 38 CYS n 
1 39 PRO n 
1 40 VAL n 
1 41 GLY n 
1 42 CYS n 
1 43 ALA n 
1 44 LYS n 
1 45 CYS n 
1 46 SER n 
1 47 GLN n 
1 48 GLY n 
1 49 CYS n 
1 50 ILE n 
1 51 CYS n 
1 52 LYS n 
1 53 GLU n 
1 54 ALA n 
1 55 SER n 
1 56 ASP n 
1 57 LYS n 
1 58 CYS n 
1 59 SER n 
1 60 CYS n 
1 61 CYS n 
1 62 ALA n 
# 
_entity_src_gen.entity_id                          1 
_entity_src_gen.pdbx_src_id                        1 
_entity_src_gen.pdbx_alt_source_flag               sample 
_entity_src_gen.pdbx_seq_type                      ? 
_entity_src_gen.pdbx_beg_seq_num                   ? 
_entity_src_gen.pdbx_end_seq_num                   ? 
_entity_src_gen.gene_src_common_name               'black rat' 
_entity_src_gen.gene_src_genus                     Rattus 
_entity_src_gen.pdbx_gene_src_gene                 ? 
_entity_src_gen.gene_src_species                   ? 
_entity_src_gen.gene_src_strain                    ? 
_entity_src_gen.gene_src_tissue                    ? 
_entity_src_gen.gene_src_tissue_fraction           ? 
_entity_src_gen.gene_src_details                   ? 
_entity_src_gen.pdbx_gene_src_fragment             ? 
_entity_src_gen.pdbx_gene_src_scientific_name      'Rattus rattus' 
_entity_src_gen.pdbx_gene_src_ncbi_taxonomy_id     10117 
_entity_src_gen.pdbx_gene_src_variant              ? 
_entity_src_gen.pdbx_gene_src_cell_line            ? 
_entity_src_gen.pdbx_gene_src_atcc                 ? 
_entity_src_gen.pdbx_gene_src_organ                ? 
_entity_src_gen.pdbx_gene_src_organelle            ? 
_entity_src_gen.pdbx_gene_src_cell                 ? 
_entity_src_gen.pdbx_gene_src_cellular_location    ? 
_entity_src_gen.host_org_common_name               ? 
_entity_src_gen.pdbx_host_org_scientific_name      ? 
_entity_src_gen.pdbx_host_org_ncbi_taxonomy_id     ? 
_entity_src_gen.host_org_genus                     ? 
_entity_src_gen.pdbx_host_org_gene                 ? 
_entity_src_gen.pdbx_host_org_organ                ? 
_entity_src_gen.host_org_species                   ? 
_entity_src_gen.pdbx_host_org_tissue               ? 
_entity_src_gen.pdbx_host_org_tissue_fraction      ? 
_entity_src_gen.pdbx_host_org_strain               ? 
_entity_src_gen.pdbx_host_org_variant              ? 
_entity_src_gen.pdbx_host_org_cell_line            ? 
_entity_src_gen.pdbx_host_org_atcc                 ? 
_entity_src_gen.pdbx_host_org_culture_collection   ? 
_entity_src_gen.pdbx_host_org_cell                 ? 
_entity_src_gen.pdbx_host_org_organelle            ? 
_entity_src_gen.pdbx_host_org_cellular_location    ? 
_entity_src_gen.pdbx_host_org_vector_type          ? 
_entity_src_gen.pdbx_host_org_vector               ? 
_entity_src_gen.host_org_details                   ? 
_entity_src_gen.expression_system_id               ? 
_entity_src_gen.plasmid_name                       ? 
_entity_src_gen.plasmid_details                    ? 
_entity_src_gen.pdbx_description                   ? 
# 
loop_
_chem_comp.id 
_chem_comp.type 
_chem_comp.mon_nstd_flag 
_chem_comp.name 
_chem_comp.pdbx_synonyms 
_chem_comp.formula 
_chem_comp.formula_weight 
ACE non-polymer         . 'ACETYL GROUP'  ? 'C2 H4 O'        44.053  
ALA 'L-peptide linking' y ALANINE         ? 'C3 H7 N O2'     89.093  
ASN 'L-peptide linking' y ASPARAGINE      ? 'C4 H8 N2 O3'    132.118 
ASP 'L-peptide linking' y 'ASPARTIC ACID' ? 'C4 H7 N O4'     133.103 
CD  non-polymer         . 'CADMIUM ION'   ? 'Cd 2'           112.411 
CYS 'L-peptide linking' y CYSTEINE        ? 'C3 H7 N O2 S'   121.158 
GLN 'L-peptide linking' y GLUTAMINE       ? 'C5 H10 N2 O3'   146.144 
GLU 'L-peptide linking' y 'GLUTAMIC ACID' ? 'C5 H9 N O4'     147.129 
GLY 'peptide linking'   y GLYCINE         ? 'C2 H5 N O2'     75.067  
HOH non-polymer         . WATER           ? 'H2 O'           18.015  
ILE 'L-peptide linking' y ISOLEUCINE      ? 'C6 H13 N O2'    131.173 
LYS 'L-peptide linking' y LYSINE          ? 'C6 H15 N2 O2 1' 147.195 
MET 'L-peptide linking' y METHIONINE      ? 'C5 H11 N O2 S'  149.211 
NA  non-polymer         . 'SODIUM ION'    ? 'Na 1'           22.990  
PRO 'L-peptide linking' y PROLINE         ? 'C5 H9 N O2'     115.130 
SER 'L-peptide linking' y SERINE          ? 'C3 H7 N O3'     105.093 
THR 'L-peptide linking' y THREONINE       ? 'C4 H9 N O3'     119.119 
VAL 'L-peptide linking' y VALINE          ? 'C5 H11 N O2'    117.146 
ZN  non-polymer         . 'ZINC ION'      ? 'Zn 2'           65.409  
# 
loop_
_pdbx_poly_seq_scheme.asym_id 
_pdbx_poly_seq_scheme.entity_id 
_pdbx_poly_seq_scheme.seq_id 
_pdbx_poly_seq_scheme.mon_id 
_pdbx_poly_seq_scheme.ndb_seq_num 
_pdbx_poly_seq_scheme.pdb_seq_num 
_pdbx_poly_seq_scheme.auth_seq_num 
_pdbx_poly_seq_scheme.pdb_mon_id 
_pdbx_poly_seq_scheme.auth_mon_id 
_pdbx_poly_seq_scheme.pdb_strand_id 
_pdbx_poly_seq_scheme.pdb_ins_code 
_pdbx_poly_seq_scheme.hetero 
A 1 1  ACE 1  0  0  ACE ACE A . n 
A 1 2  MET 2  1  1  MET MET A . n 
A 1 3  ASP 3  2  2  ASP ASP A . n 
A 1 4  PRO 4  3  3  PRO PRO A . n 
A 1 5  ASN 5  4  4  ASN ASN A . n 
A 1 6  CYS 6  5  5  CYS CYS A . n 
A 1 7  SER 7  6  6  SER SER A . n 
A 1 8  CYS 8  7  7  CYS CYS A . n 
A 1 9  ALA 9  8  8  ALA ALA A . n 
A 1 10 THR 10 9  9  THR THR A . n 
A 1 11 ASP 11 10 10 ASP ASP A . n 
A 1 12 GLY 12 11 11 GLY GLY A . n 
A 1 13 SER 13 12 12 SER SER A . n 
A 1 14 CYS 14 13 13 CYS CYS A . n 
A 1 15 SER 15 14 14 SER SER A . n 
A 1 16 CYS 16 15 15 CYS CYS A . n 
A 1 17 ALA 17 16 16 ALA ALA A . n 
A 1 18 GLY 18 17 17 GLY GLY A . n 
A 1 19 SER 19 18 18 SER SER A . n 
A 1 20 CYS 20 19 19 CYS CYS A . n 
A 1 21 LYS 21 20 20 LYS LYS A . n 
A 1 22 CYS 22 21 21 CYS CYS A . n 
A 1 23 LYS 23 22 22 LYS LYS A . n 
A 1 24 GLN 24 23 23 GLN GLN A . n 
A 1 25 CYS 25 24 24 CYS CYS A . n 
A 1 26 LYS 26 25 25 LYS LYS A . n 
A 1 27 CYS 27 26 26 CYS CYS A . n 
A 1 28 THR 28 27 27 THR THR A . n 
A 1 29 SER 29 28 28 SER SER A . n 
A 1 30 CYS 30 29 29 CYS CYS A . n 
A 1 31 LYS 31 30 30 LYS LYS A . n 
A 1 32 LYS 32 31 31 LYS LYS A . n 
A 1 33 SER 33 32 32 SER SER A . n 
A 1 34 CYS 34 33 33 CYS CYS A . n 
A 1 35 CYS 35 34 34 CYS CYS A . n 
A 1 36 SER 36 35 35 SER SER A . n 
A 1 37 CYS 37 36 36 CYS CYS A . n 
A 1 38 CYS 38 37 37 CYS CYS A . n 
A 1 39 PRO 39 38 38 PRO PRO A . n 
A 1 40 VAL 40 39 39 VAL VAL A . n 
A 1 41 GLY 41 40 40 GLY GLY A . n 
A 1 42 CYS 42 41 41 CYS CYS A . n 
A 1 43 ALA 43 42 42 ALA ALA A . n 
A 1 44 LYS 44 43 43 LYS LYS A . n 
A 1 45 CYS 45 44 44 CYS CYS A . n 
A 1 46 SER 46 45 45 SER SER A . n 
A 1 47 GLN 47 46 46 GLN GLN A . n 
A 1 48 GLY 48 47 47 GLY GLY A . n 
A 1 49 CYS 49 48 48 CYS CYS A . n 
A 1 50 ILE 50 49 49 ILE ILE A . n 
A 1 51 CYS 51 50 50 CYS CYS A . n 
A 1 52 LYS 52 51 51 LYS LYS A . n 
A 1 53 GLU 53 52 52 GLU GLU A . n 
A 1 54 ALA 54 53 53 ALA ALA A . n 
A 1 55 SER 55 54 54 SER SER A . n 
A 1 56 ASP 56 55 55 ASP ASP A . n 
A 1 57 LYS 57 56 56 LYS LYS A . n 
A 1 58 CYS 58 57 57 CYS CYS A . n 
A 1 59 SER 59 58 58 SER SER A . n 
A 1 60 CYS 60 59 59 CYS CYS A . n 
A 1 61 CYS 61 60 60 CYS CYS A . n 
A 1 62 ALA 62 61 61 ALA ALA A . n 
# 
loop_
_pdbx_nonpoly_scheme.asym_id 
_pdbx_nonpoly_scheme.entity_id 
_pdbx_nonpoly_scheme.mon_id 
_pdbx_nonpoly_scheme.ndb_seq_num 
_pdbx_nonpoly_scheme.pdb_seq_num 
_pdbx_nonpoly_scheme.auth_seq_num 
_pdbx_nonpoly_scheme.pdb_mon_id 
_pdbx_nonpoly_scheme.auth_mon_id 
_pdbx_nonpoly_scheme.pdb_strand_id 
_pdbx_nonpoly_scheme.pdb_ins_code 
B 2 CD  1  62  62  CD  CD  A . 
C 2 CD  1  63  63  CD  CD  A . 
D 2 CD  1  64  64  CD  CD  A . 
E 2 CD  1  65  65  CD  CD  A . 
F 2 CD  1  66  66  CD  CD  A . 
G 3 ZN  1  67  67  ZN  ZN  A . 
H 3 ZN  1  68  68  ZN  ZN  A . 
I 4 NA  1  69  69  NA  NA  A . 
J 5 HOH 1  70  70  HOH HOH A . 
J 5 HOH 2  71  71  HOH HOH A . 
J 5 HOH 3  72  72  HOH HOH A . 
J 5 HOH 4  73  73  HOH HOH A . 
J 5 HOH 5  74  74  HOH HOH A . 
J 5 HOH 6  75  75  HOH HOH A . 
J 5 HOH 7  76  76  HOH HOH A . 
J 5 HOH 8  77  77  HOH HOH A . 
J 5 HOH 9  78  78  HOH HOH A . 
J 5 HOH 10 79  79  HOH HOH A . 
J 5 HOH 11 80  80  HOH HOH A . 
J 5 HOH 12 81  81  HOH HOH A . 
J 5 HOH 13 82  82  HOH HOH A . 
J 5 HOH 14 83  83  HOH HOH A . 
J 5 HOH 15 84  84  HOH HOH A . 
J 5 HOH 16 85  85  HOH HOH A . 
J 5 HOH 17 86  86  HOH HOH A . 
J 5 HOH 18 87  87  HOH HOH A . 
J 5 HOH 19 88  88  HOH HOH A . 
J 5 HOH 20 89  89  HOH HOH A . 
J 5 HOH 21 90  90  HOH HOH A . 
J 5 HOH 22 91  91  HOH HOH A . 
J 5 HOH 23 92  92  HOH HOH A . 
J 5 HOH 24 93  93  HOH HOH A . 
J 5 HOH 25 94  94  HOH HOH A . 
J 5 HOH 26 95  95  HOH HOH A . 
J 5 HOH 27 96  96  HOH HOH A . 
J 5 HOH 28 97  97  HOH HOH A . 
J 5 HOH 29 98  98  HOH HOH A . 
J 5 HOH 30 99  99  HOH HOH A . 
J 5 HOH 31 100 100 HOH HOH A . 
J 5 HOH 32 101 101 HOH HOH A . 
J 5 HOH 33 102 102 HOH HOH A . 
J 5 HOH 34 103 103 HOH HOH A . 
J 5 HOH 35 104 104 HOH HOH A . 
J 5 HOH 36 105 105 HOH HOH A . 
J 5 HOH 37 106 106 HOH HOH A . 
J 5 HOH 38 107 107 HOH HOH A . 
J 5 HOH 39 108 108 HOH HOH A . 
J 5 HOH 40 110 110 HOH HOH A . 
J 5 HOH 41 111 111 HOH HOH A . 
J 5 HOH 42 112 112 HOH HOH A . 
J 5 HOH 43 113 113 HOH HOH A . 
J 5 HOH 44 114 114 HOH HOH A . 
J 5 HOH 45 115 115 HOH HOH A . 
J 5 HOH 46 116 116 HOH HOH A . 
J 5 HOH 47 117 117 HOH HOH A . 
J 5 HOH 48 118 118 HOH HOH A . 
J 5 HOH 49 119 119 HOH HOH A . 
J 5 HOH 50 120 120 HOH HOH A . 
J 5 HOH 51 122 122 HOH HOH A . 
J 5 HOH 52 123 123 HOH HOH A . 
J 5 HOH 53 124 124 HOH HOH A . 
J 5 HOH 54 125 125 HOH HOH A . 
J 5 HOH 55 126 126 HOH HOH A . 
J 5 HOH 56 127 127 HOH HOH A . 
J 5 HOH 57 128 128 HOH HOH A . 
J 5 HOH 58 129 129 HOH HOH A . 
J 5 HOH 59 130 130 HOH HOH A . 
J 5 HOH 60 131 131 HOH HOH A . 
J 5 HOH 61 132 132 HOH HOH A . 
J 5 HOH 62 133 133 HOH HOH A . 
J 5 HOH 63 134 134 HOH HOH A . 
J 5 HOH 64 135 135 HOH HOH A . 
J 5 HOH 65 136 136 HOH HOH A . 
J 5 HOH 66 137 137 HOH HOH A . 
J 5 HOH 67 138 138 HOH HOH A . 
J 5 HOH 68 139 139 HOH HOH A . 
J 5 HOH 69 199 199 HOH HOH A . 
# 
loop_
_pdbx_unobs_or_zero_occ_atoms.id 
_pdbx_unobs_or_zero_occ_atoms.PDB_model_num 
_pdbx_unobs_or_zero_occ_atoms.polymer_flag 
_pdbx_unobs_or_zero_occ_atoms.occupancy_flag 
_pdbx_unobs_or_zero_occ_atoms.auth_asym_id 
_pdbx_unobs_or_zero_occ_atoms.auth_comp_id 
_pdbx_unobs_or_zero_occ_atoms.auth_seq_id 
_pdbx_unobs_or_zero_occ_atoms.PDB_ins_code 
_pdbx_unobs_or_zero_occ_atoms.auth_atom_id 
_pdbx_unobs_or_zero_occ_atoms.label_alt_id 
_pdbx_unobs_or_zero_occ_atoms.label_asym_id 
_pdbx_unobs_or_zero_occ_atoms.label_comp_id 
_pdbx_unobs_or_zero_occ_atoms.label_seq_id 
_pdbx_unobs_or_zero_occ_atoms.label_atom_id 
1 1 Y 1 A LYS 51 ? CG ? A LYS 52 CG 
2 1 Y 1 A LYS 51 ? CD ? A LYS 52 CD 
3 1 Y 1 A LYS 51 ? CE ? A LYS 52 CE 
4 1 Y 1 A LYS 51 ? NZ ? A LYS 52 NZ 
# 
loop_
_software.name 
_software.classification 
_software.version 
_software.citation_id 
_software.pdbx_ordinal 
X-PLOR 'model building' . ? 1 
X-PLOR refinement       . ? 2 
X-PLOR phasing          . ? 3 
# 
_cell.entry_id           4MT2 
_cell.length_a           30.900 
_cell.length_b           30.900 
_cell.length_c           120.400 
_cell.angle_alpha        90.00 
_cell.angle_beta         90.00 
_cell.angle_gamma        90.00 
_cell.Z_PDB              8 
_cell.pdbx_unique_axis   ? 
_cell.length_a_esd       ? 
_cell.length_b_esd       ? 
_cell.length_c_esd       ? 
_cell.angle_alpha_esd    ? 
_cell.angle_beta_esd     ? 
_cell.angle_gamma_esd    ? 
# 
_symmetry.entry_id                         4MT2 
_symmetry.space_group_name_H-M             'P 43 21 2' 
_symmetry.pdbx_full_space_group_name_H-M   ? 
_symmetry.cell_setting                     ? 
_symmetry.Int_Tables_number                96 
_symmetry.space_group_name_Hall            ? 
# 
_exptl.entry_id          4MT2 
_exptl.method            'X-RAY DIFFRACTION' 
_exptl.crystals_number   ? 
# 
_exptl_crystal.id                    1 
_exptl_crystal.density_meas          ? 
_exptl_crystal.density_Matthews      2.33 
_exptl_crystal.density_percent_sol   47.10 
_exptl_crystal.description           ? 
_exptl_crystal.F_000                 ? 
_exptl_crystal.preparation           ? 
# 
_diffrn.id                     1 
_diffrn.crystal_id             1 
_diffrn.ambient_temp           ? 
_diffrn.ambient_temp_details   ? 
# 
_diffrn_radiation.diffrn_id                        1 
_diffrn_radiation.wavelength_id                    1 
_diffrn_radiation.monochromator                    ? 
_diffrn_radiation.pdbx_monochromatic_or_laue_m_l   ? 
_diffrn_radiation.pdbx_diffrn_protocol             ? 
_diffrn_radiation.pdbx_scattering_type             x-ray 
# 
_diffrn_radiation_wavelength.id           1 
_diffrn_radiation_wavelength.wavelength   . 
_diffrn_radiation_wavelength.wt           1.0 
# 
_refine.entry_id                                 4MT2 
_refine.ls_number_reflns_obs                     ? 
_refine.ls_number_reflns_all                     ? 
_refine.pdbx_ls_sigma_I                          ? 
_refine.pdbx_ls_sigma_F                          0.0 
_refine.pdbx_data_cutoff_high_absF               ? 
_refine.pdbx_data_cutoff_low_absF                ? 
_refine.pdbx_data_cutoff_high_rms_absF           ? 
_refine.ls_d_res_low                             5.0 
_refine.ls_d_res_high                            2.0 
_refine.ls_percent_reflns_obs                    ? 
_refine.ls_R_factor_obs                          ? 
_refine.ls_R_factor_all                          ? 
_refine.ls_R_factor_R_work                       0.1970000 
_refine.ls_R_factor_R_free                       ? 
_refine.ls_R_factor_R_free_error                 ? 
_refine.ls_R_factor_R_free_error_details         ? 
_refine.ls_percent_reflns_R_free                 ? 
_refine.ls_number_reflns_R_free                  ? 
_refine.ls_number_parameters                     ? 
_refine.ls_number_restraints                     ? 
_refine.occupancy_min                            ? 
_refine.occupancy_max                            ? 
_refine.B_iso_mean                               ? 
_refine.aniso_B[1][1]                            ? 
_refine.aniso_B[2][2]                            ? 
_refine.aniso_B[3][3]                            ? 
_refine.aniso_B[1][2]                            ? 
_refine.aniso_B[1][3]                            ? 
_refine.aniso_B[2][3]                            ? 
_refine.solvent_model_details                    ? 
_refine.solvent_model_param_ksol                 ? 
_refine.solvent_model_param_bsol                 ? 
_refine.pdbx_ls_cross_valid_method               ? 
_refine.details                                  
;THE STRUCTURE WAS SOLVED BY LOCATING THE FIVE CADMIUM ATOMS
BY DIRECT METHODS.  THE STARTING MODEL WAS A FIT OF THE
CONSENSUS DOMAINS FROM THE 2-D NMR MODEL INTO AN ELECTRON
DENSITY MAP GENERATED FORM THE LOCATION OF THE CADMIUM
POSITIONS.  THE ANOMALOUS SCATTERING COMPONENTS OF CADMIUM
ZINC AND SULFUR WERE INCLUDED IN THE REFINEMENT.

DUE TO WEAK ELECTRON DENSITY, THE POSITIONS OF RESIDUES
1-2, 51-56, AND THE C-TERMINAL ALANINE SHOULD BE TREATED AS
TENTATIVE.  THE SIDE CHAINS OF LYSINES 20 AND 22 ARE ALSO
UNRELIABLE.
;
_refine.pdbx_starting_model                      ? 
_refine.pdbx_method_to_determine_struct          ? 
_refine.pdbx_isotropic_thermal_model             ? 
_refine.pdbx_stereochemistry_target_values       ? 
_refine.pdbx_stereochem_target_val_spec_case     ? 
_refine.pdbx_R_Free_selection_details            ? 
_refine.pdbx_overall_ESU_R                       ? 
_refine.pdbx_overall_ESU_R_Free                  ? 
_refine.overall_SU_ML                            ? 
_refine.overall_SU_B                             ? 
_refine.pdbx_refine_id                           'X-RAY DIFFRACTION' 
_refine.pdbx_diffrn_id                           1 
_refine.ls_redundancy_reflns_obs                 ? 
_refine.pdbx_overall_phase_error                 ? 
_refine.B_iso_min                                ? 
_refine.B_iso_max                                ? 
_refine.correlation_coeff_Fo_to_Fc               ? 
_refine.correlation_coeff_Fo_to_Fc_free          ? 
_refine.pdbx_solvent_vdw_probe_radii             ? 
_refine.pdbx_solvent_ion_probe_radii             ? 
_refine.pdbx_solvent_shrinkage_radii             ? 
_refine.overall_SU_R_Cruickshank_DPI             ? 
_refine.overall_SU_R_free                        ? 
_refine.ls_wR_factor_R_free                      ? 
_refine.ls_wR_factor_R_work                      ? 
_refine.overall_FOM_free_R_set                   ? 
_refine.overall_FOM_work_R_set                   ? 
_refine.pdbx_TLS_residual_ADP_flag               ? 
_refine.pdbx_overall_SU_R_free_Cruickshank_DPI   ? 
_refine.pdbx_overall_SU_R_Blow_DPI               ? 
_refine.pdbx_overall_SU_R_free_Blow_DPI          ? 
# 
_refine_hist.pdbx_refine_id                   'X-RAY DIFFRACTION' 
_refine_hist.cycle_id                         LAST 
_refine_hist.pdbx_number_atoms_protein        403 
_refine_hist.pdbx_number_atoms_nucleic_acid   0 
_refine_hist.pdbx_number_atoms_ligand         8 
_refine_hist.number_atoms_solvent             69 
_refine_hist.number_atoms_total               480 
_refine_hist.d_res_high                       2.0 
_refine_hist.d_res_low                        5.0 
# 
loop_
_refine_ls_restr.type 
_refine_ls_restr.dev_ideal 
_refine_ls_restr.dev_ideal_target 
_refine_ls_restr.weight 
_refine_ls_restr.number 
_refine_ls_restr.pdbx_refine_id 
_refine_ls_restr.pdbx_restraint_function 
x_bond_d    0.020 ? ? ? 'X-RAY DIFFRACTION' ? 
x_angle_deg 3.5   ? ? ? 'X-RAY DIFFRACTION' ? 
# 
_struct.entry_id                  4MT2 
_struct.title                     
'COMPARISON OF THE NMR SOLUTION STRUCTURE AND THE X-RAY CRYSTAL STRUCTURE OF RAT METALLOTHIONEIN-2' 
_struct.pdbx_model_details        ? 
_struct.pdbx_CASP_flag            ? 
_struct.pdbx_model_type_details   ? 
# 
_struct_keywords.entry_id        4MT2 
_struct_keywords.pdbx_keywords   METALLOTHIONEIN 
_struct_keywords.text            METALLOTHIONEIN 
# 
loop_
_struct_asym.id 
_struct_asym.pdbx_blank_PDB_chainid_flag 
_struct_asym.pdbx_modified 
_struct_asym.entity_id 
_struct_asym.details 
A N N 1 ? 
B N N 2 ? 
C N N 2 ? 
D N N 2 ? 
E N N 2 ? 
F N N 2 ? 
G N N 3 ? 
H N N 3 ? 
I N N 4 ? 
J N N 5 ? 
# 
_struct_ref.id                         1 
_struct_ref.db_name                    UNP 
_struct_ref.db_code                    MT2_RAT 
_struct_ref.entity_id                  1 
_struct_ref.pdbx_db_accession          P04355 
_struct_ref.pdbx_align_begin           1 
_struct_ref.pdbx_seq_one_letter_code   MDPNCSCATDGSCSCAGSCKCKQCKCTSCKKSCCSCCPVGCAKCSQGCICKEASDKCSCCA 
_struct_ref.pdbx_db_isoform            ? 
# 
_struct_ref_seq.align_id                      1 
_struct_ref_seq.ref_id                        1 
_struct_ref_seq.pdbx_PDB_id_code              4MT2 
_struct_ref_seq.pdbx_strand_id                A 
_struct_ref_seq.seq_align_beg                 2 
_struct_ref_seq.pdbx_seq_align_beg_ins_code   ? 
_struct_ref_seq.seq_align_end                 62 
_struct_ref_seq.pdbx_seq_align_end_ins_code   ? 
_struct_ref_seq.pdbx_db_accession             P04355 
_struct_ref_seq.db_align_beg                  1 
_struct_ref_seq.pdbx_db_align_beg_ins_code    ? 
_struct_ref_seq.db_align_end                  61 
_struct_ref_seq.pdbx_db_align_end_ins_code    ? 
_struct_ref_seq.pdbx_auth_seq_align_beg       1 
_struct_ref_seq.pdbx_auth_seq_align_end       61 
# 
_pdbx_struct_assembly.id                   1 
_pdbx_struct_assembly.details              author_and_software_defined_assembly 
_pdbx_struct_assembly.method_details       PISA,PQS 
_pdbx_struct_assembly.oligomeric_details   dimeric 
_pdbx_struct_assembly.oligomeric_count     2 
# 
loop_
_pdbx_struct_assembly_prop.biol_id 
_pdbx_struct_assembly_prop.type 
_pdbx_struct_assembly_prop.value 
_pdbx_struct_assembly_prop.details 
1 'ABSA (A^2)' 2710 ? 
1 MORE         -102 ? 
1 'SSA (A^2)'  7820 ? 
# 
_pdbx_struct_assembly_gen.assembly_id       1 
_pdbx_struct_assembly_gen.oper_expression   1,2 
_pdbx_struct_assembly_gen.asym_id_list      A,B,C,D,E,F,G,H,I,J 
# 
loop_
_pdbx_struct_oper_list.id 
_pdbx_struct_oper_list.type 
_pdbx_struct_oper_list.name 
_pdbx_struct_oper_list.symmetry_operation 
_pdbx_struct_oper_list.matrix[1][1] 
_pdbx_struct_oper_list.matrix[1][2] 
_pdbx_struct_oper_list.matrix[1][3] 
_pdbx_struct_oper_list.vector[1] 
_pdbx_struct_oper_list.matrix[2][1] 
_pdbx_struct_oper_list.matrix[2][2] 
_pdbx_struct_oper_list.matrix[2][3] 
_pdbx_struct_oper_list.vector[2] 
_pdbx_struct_oper_list.matrix[3][1] 
_pdbx_struct_oper_list.matrix[3][2] 
_pdbx_struct_oper_list.matrix[3][3] 
_pdbx_struct_oper_list.vector[3] 
1 'identity operation'         1_555 x,y,z            1.0000000000  0.0000000000 0.0000000000 0.0000000000  0.0000000000 1.0000000000  0.0000000000 0.0000000000  0.0000000000 0.0000000000 1.0000000000 0.0000000000  
2 'crystal symmetry operation' 8_665 -y+1,-x+1,-z+1/2 -0.9559039959 0.1014388846 0.2756042512 15.9553247324 0.1014388846 -0.7666489852 0.6340027494 -0.3309648834 0.2756042512 0.6340027494 0.7225529811 -2.4309978999 
# 
_struct_biol.id        1 
_struct_biol.details   ? 
# 
loop_
_struct_conf.conf_type_id 
_struct_conf.id 
_struct_conf.pdbx_PDB_helix_id 
_struct_conf.beg_label_comp_id 
_struct_conf.beg_label_asym_id 
_struct_conf.beg_label_seq_id 
_struct_conf.pdbx_beg_PDB_ins_code 
_struct_conf.end_label_comp_id 
_struct_conf.end_label_asym_id 
_struct_conf.end_label_seq_id 
_struct_conf.pdbx_end_PDB_ins_code 
_struct_conf.beg_auth_comp_id 
_struct_conf.beg_auth_asym_id 
_struct_conf.beg_auth_seq_id 
_struct_conf.end_auth_comp_id 
_struct_conf.end_auth_asym_id 
_struct_conf.end_auth_seq_id 
_struct_conf.pdbx_PDB_helix_class 
_struct_conf.details 
_struct_conf.pdbx_PDB_helix_length 
HELX_P HELX_P1 A ALA A 43 ? CYS A 45 ? ALA A 42 CYS A 44 5 ? 3 
HELX_P HELX_P2 B SER A 59 ? CYS A 61 ? SER A 58 CYS A 60 5 ? 3 
# 
_struct_conf_type.id          HELX_P 
_struct_conf_type.criteria    ? 
_struct_conf_type.reference   ? 
# 
loop_
_struct_conn.id 
_struct_conn.conn_type_id 
_struct_conn.pdbx_leaving_atom_flag 
_struct_conn.pdbx_PDB_id 
_struct_conn.ptnr1_label_asym_id 
_struct_conn.ptnr1_label_comp_id 
_struct_conn.ptnr1_label_seq_id 
_struct_conn.ptnr1_label_atom_id 
_struct_conn.pdbx_ptnr1_label_alt_id 
_struct_conn.pdbx_ptnr1_PDB_ins_code 
_struct_conn.pdbx_ptnr1_standard_comp_id 
_struct_conn.ptnr1_symmetry 
_struct_conn.ptnr2_label_asym_id 
_struct_conn.ptnr2_label_comp_id 
_struct_conn.ptnr2_label_seq_id 
_struct_conn.ptnr2_label_atom_id 
_struct_conn.pdbx_ptnr2_label_alt_id 
_struct_conn.pdbx_ptnr2_PDB_ins_code 
_struct_conn.ptnr1_auth_asym_id 
_struct_conn.ptnr1_auth_comp_id 
_struct_conn.ptnr1_auth_seq_id 
_struct_conn.ptnr2_auth_asym_id 
_struct_conn.ptnr2_auth_comp_id 
_struct_conn.ptnr2_auth_seq_id 
_struct_conn.ptnr2_symmetry 
_struct_conn.pdbx_ptnr3_label_atom_id 
_struct_conn.pdbx_ptnr3_label_seq_id 
_struct_conn.pdbx_ptnr3_label_comp_id 
_struct_conn.pdbx_ptnr3_label_asym_id 
_struct_conn.pdbx_ptnr3_label_alt_id 
_struct_conn.pdbx_ptnr3_PDB_ins_code 
_struct_conn.details 
_struct_conn.pdbx_dist_value 
_struct_conn.pdbx_value_order 
_struct_conn.pdbx_role 
covale1  covale both ? A ACE 1  C  ? ? ? 1_555 A MET 2 N  ? ? A ACE 0  A MET 1  1_555 ? ? ? ? ? ? ? 1.352 ? ? 
metalc1  metalc ?    ? A CYS 6  SG ? ? ? 1_555 F CD  . CD ? ? A CYS 5  A CD  66 1_555 ? ? ? ? ? ? ? 2.479 ? ? 
metalc2  metalc ?    ? A CYS 8  SG ? ? ? 1_555 F CD  . CD ? ? A CYS 7  A CD  66 1_555 ? ? ? ? ? ? ? 2.540 ? ? 
metalc3  metalc ?    ? A CYS 8  SG ? ? ? 1_555 H ZN  . ZN ? ? A CYS 7  A ZN  68 1_555 ? ? ? ? ? ? ? 2.328 ? ? 
metalc4  metalc ?    ? A CYS 14 SG ? ? ? 1_555 H ZN  . ZN ? ? A CYS 13 A ZN  68 1_555 ? ? ? ? ? ? ? 2.368 ? ? 
metalc5  metalc ?    ? A CYS 16 SG ? ? ? 1_555 G ZN  . ZN ? ? A CYS 15 A ZN  67 1_555 ? ? ? ? ? ? ? 2.476 ? ? 
metalc6  metalc ?    ? A CYS 16 SG ? ? ? 1_555 H ZN  . ZN ? ? A CYS 15 A ZN  68 1_555 ? ? ? ? ? ? ? 2.369 ? ? 
metalc7  metalc ?    ? A CYS 20 SG ? ? ? 1_555 G ZN  . ZN ? ? A CYS 19 A ZN  67 1_555 ? ? ? ? ? ? ? 2.296 ? ? 
metalc8  metalc ?    ? A CYS 22 SG ? ? ? 1_555 F CD  . CD ? ? A CYS 21 A CD  66 1_555 ? ? ? ? ? ? ? 2.490 ? ? 
metalc9  metalc ?    ? A CYS 25 SG ? ? ? 1_555 F CD  . CD ? ? A CYS 24 A CD  66 1_555 ? ? ? ? ? ? ? 2.535 ? ? 
metalc10 metalc ?    ? A CYS 25 SG ? ? ? 1_555 G ZN  . ZN ? ? A CYS 24 A ZN  67 1_555 ? ? ? ? ? ? ? 2.409 ? ? 
metalc11 metalc ?    ? A CYS 27 SG ? ? ? 1_555 H ZN  . ZN ? ? A CYS 26 A ZN  68 1_555 ? ? ? ? ? ? ? 2.370 ? ? 
metalc12 metalc ?    ? A CYS 30 SG ? ? ? 1_555 G ZN  . ZN ? ? A CYS 29 A ZN  67 1_555 ? ? ? ? ? ? ? 2.405 ? ? 
metalc13 metalc ?    ? A CYS 30 O  ? ? ? 1_555 I NA  . NA ? ? A CYS 29 A NA  69 1_555 ? ? ? ? ? ? ? 1.881 ? ? 
metalc14 metalc ?    ? A CYS 34 SG ? ? ? 1_555 C CD  . CD ? ? A CYS 33 A CD  63 1_555 ? ? ? ? ? ? ? 2.549 ? ? 
metalc15 metalc ?    ? A CYS 35 SG ? ? ? 1_555 C CD  . CD ? ? A CYS 34 A CD  63 1_555 ? ? ? ? ? ? ? 2.448 ? ? 
metalc16 metalc ?    ? A CYS 35 SG ? ? ? 1_555 E CD  . CD ? ? A CYS 34 A CD  65 1_555 ? ? ? ? ? ? ? 2.506 ? ? 
metalc17 metalc ?    ? A CYS 37 SG ? ? ? 1_555 E CD  . CD ? ? A CYS 36 A CD  65 1_555 ? ? ? ? ? ? ? 2.486 ? ? 
metalc18 metalc ?    ? A CYS 38 SG ? ? ? 1_555 D CD  . CD ? ? A CYS 37 A CD  64 1_555 ? ? ? ? ? ? ? 2.517 ? ? 
metalc19 metalc ?    ? A CYS 38 SG ? ? ? 1_555 E CD  . CD ? ? A CYS 37 A CD  65 1_555 ? ? ? ? ? ? ? 2.440 ? ? 
metalc20 metalc ?    ? A CYS 42 SG ? ? ? 1_555 D CD  . CD ? ? A CYS 41 A CD  64 1_555 ? ? ? ? ? ? ? 2.483 ? ? 
metalc21 metalc ?    ? A ALA 43 O  ? ? ? 8_665 I NA  . NA ? ? A ALA 42 A NA  69 1_555 ? ? ? ? ? ? ? 2.204 ? ? 
metalc22 metalc ?    ? A CYS 45 SG ? ? ? 1_555 C CD  . CD ? ? A CYS 44 A CD  63 1_555 ? ? ? ? ? ? ? 2.621 ? ? 
metalc23 metalc ?    ? A CYS 45 SG ? ? ? 1_555 D CD  . CD ? ? A CYS 44 A CD  64 1_555 ? ? ? ? ? ? ? 2.507 ? ? 
metalc24 metalc ?    ? A CYS 49 SG ? ? ? 1_555 C CD  . CD ? ? A CYS 48 A CD  63 1_555 ? ? ? ? ? ? ? 2.473 ? ? 
metalc25 metalc ?    ? A CYS 51 SG ? ? ? 1_555 B CD  . CD ? ? A CYS 50 A CD  62 1_555 ? ? ? ? ? ? ? 2.572 ? ? 
metalc26 metalc ?    ? A CYS 51 SG ? ? ? 1_555 E CD  . CD ? ? A CYS 50 A CD  65 1_555 ? ? ? ? ? ? ? 2.502 ? ? 
metalc27 metalc ?    ? A CYS 58 SG ? ? ? 1_555 B CD  . CD ? ? A CYS 57 A CD  62 1_555 ? ? ? ? ? ? ? 2.504 ? ? 
metalc28 metalc ?    ? A CYS 60 SG ? ? ? 1_555 B CD  . CD ? ? A CYS 59 A CD  62 1_555 ? ? ? ? ? ? ? 2.505 ? ? 
metalc29 metalc ?    ? A CYS 61 SG ? ? ? 1_555 B CD  . CD ? ? A CYS 60 A CD  62 1_555 ? ? ? ? ? ? ? 2.495 ? ? 
metalc30 metalc ?    ? A CYS 61 SG ? ? ? 1_555 D CD  . CD ? ? A CYS 60 A CD  64 1_555 ? ? ? ? ? ? ? 2.598 ? ? 
metalc31 metalc ?    ? I NA  .  NA ? ? ? 1_555 J HOH . O  ? ? A NA  69 A HOH 70 1_555 ? ? ? ? ? ? ? 1.754 ? ? 
metalc32 metalc ?    ? I NA  .  NA ? ? ? 1_555 J HOH . O  ? ? A NA  69 A HOH 71 1_555 ? ? ? ? ? ? ? 2.676 ? ? 
metalc33 metalc ?    ? I NA  .  NA ? ? ? 1_555 J HOH . O  ? ? A NA  69 A HOH 72 1_555 ? ? ? ? ? ? ? 1.708 ? ? 
# 
loop_
_struct_conn_type.id 
_struct_conn_type.criteria 
_struct_conn_type.reference 
covale ? ? 
metalc ? ? 
# 
loop_
_pdbx_struct_conn_angle.id 
_pdbx_struct_conn_angle.ptnr1_label_atom_id 
_pdbx_struct_conn_angle.ptnr1_label_alt_id 
_pdbx_struct_conn_angle.ptnr1_label_asym_id 
_pdbx_struct_conn_angle.ptnr1_label_comp_id 
_pdbx_struct_conn_angle.ptnr1_label_seq_id 
_pdbx_struct_conn_angle.ptnr1_auth_atom_id 
_pdbx_struct_conn_angle.ptnr1_auth_asym_id 
_pdbx_struct_conn_angle.ptnr1_auth_comp_id 
_pdbx_struct_conn_angle.ptnr1_auth_seq_id 
_pdbx_struct_conn_angle.ptnr1_PDB_ins_code 
_pdbx_struct_conn_angle.ptnr1_symmetry 
_pdbx_struct_conn_angle.ptnr2_label_atom_id 
_pdbx_struct_conn_angle.ptnr2_label_alt_id 
_pdbx_struct_conn_angle.ptnr2_label_asym_id 
_pdbx_struct_conn_angle.ptnr2_label_comp_id 
_pdbx_struct_conn_angle.ptnr2_label_seq_id 
_pdbx_struct_conn_angle.ptnr2_auth_atom_id 
_pdbx_struct_conn_angle.ptnr2_auth_asym_id 
_pdbx_struct_conn_angle.ptnr2_auth_comp_id 
_pdbx_struct_conn_angle.ptnr2_auth_seq_id 
_pdbx_struct_conn_angle.ptnr2_PDB_ins_code 
_pdbx_struct_conn_angle.ptnr2_symmetry 
_pdbx_struct_conn_angle.ptnr3_label_atom_id 
_pdbx_struct_conn_angle.ptnr3_label_alt_id 
_pdbx_struct_conn_angle.ptnr3_label_asym_id 
_pdbx_struct_conn_angle.ptnr3_label_comp_id 
_pdbx_struct_conn_angle.ptnr3_label_seq_id 
_pdbx_struct_conn_angle.ptnr3_auth_atom_id 
_pdbx_struct_conn_angle.ptnr3_auth_asym_id 
_pdbx_struct_conn_angle.ptnr3_auth_comp_id 
_pdbx_struct_conn_angle.ptnr3_auth_seq_id 
_pdbx_struct_conn_angle.ptnr3_PDB_ins_code 
_pdbx_struct_conn_angle.ptnr3_symmetry 
_pdbx_struct_conn_angle.value 
_pdbx_struct_conn_angle.value_esd 
1  SG ? A CYS 6  ? A CYS 5  ? 1_555 CD ? F CD . ? A CD 66 ? 1_555 SG ? A CYS 8  ? A CYS 7  ? 1_555 96.4  ? 
2  SG ? A CYS 6  ? A CYS 5  ? 1_555 CD ? F CD . ? A CD 66 ? 1_555 SG ? A CYS 22 ? A CYS 21 ? 1_555 113.2 ? 
3  SG ? A CYS 8  ? A CYS 7  ? 1_555 CD ? F CD . ? A CD 66 ? 1_555 SG ? A CYS 22 ? A CYS 21 ? 1_555 112.8 ? 
4  SG ? A CYS 6  ? A CYS 5  ? 1_555 CD ? F CD . ? A CD 66 ? 1_555 SG ? A CYS 25 ? A CYS 24 ? 1_555 104.0 ? 
5  SG ? A CYS 8  ? A CYS 7  ? 1_555 CD ? F CD . ? A CD 66 ? 1_555 SG ? A CYS 25 ? A CYS 24 ? 1_555 109.0 ? 
6  SG ? A CYS 22 ? A CYS 21 ? 1_555 CD ? F CD . ? A CD 66 ? 1_555 SG ? A CYS 25 ? A CYS 24 ? 1_555 118.8 ? 
7  SG ? A CYS 8  ? A CYS 7  ? 1_555 ZN ? H ZN . ? A ZN 68 ? 1_555 SG ? A CYS 14 ? A CYS 13 ? 1_555 109.7 ? 
8  SG ? A CYS 8  ? A CYS 7  ? 1_555 ZN ? H ZN . ? A ZN 68 ? 1_555 SG ? A CYS 16 ? A CYS 15 ? 1_555 122.5 ? 
9  SG ? A CYS 14 ? A CYS 13 ? 1_555 ZN ? H ZN . ? A ZN 68 ? 1_555 SG ? A CYS 16 ? A CYS 15 ? 1_555 100.9 ? 
10 SG ? A CYS 8  ? A CYS 7  ? 1_555 ZN ? H ZN . ? A ZN 68 ? 1_555 SG ? A CYS 27 ? A CYS 26 ? 1_555 104.1 ? 
11 SG ? A CYS 14 ? A CYS 13 ? 1_555 ZN ? H ZN . ? A ZN 68 ? 1_555 SG ? A CYS 27 ? A CYS 26 ? 1_555 105.6 ? 
12 SG ? A CYS 16 ? A CYS 15 ? 1_555 ZN ? H ZN . ? A ZN 68 ? 1_555 SG ? A CYS 27 ? A CYS 26 ? 1_555 113.0 ? 
13 SG ? A CYS 16 ? A CYS 15 ? 1_555 ZN ? G ZN . ? A ZN 67 ? 1_555 SG ? A CYS 20 ? A CYS 19 ? 1_555 123.7 ? 
14 SG ? A CYS 16 ? A CYS 15 ? 1_555 ZN ? G ZN . ? A ZN 67 ? 1_555 SG ? A CYS 25 ? A CYS 24 ? 1_555 103.7 ? 
15 SG ? A CYS 20 ? A CYS 19 ? 1_555 ZN ? G ZN . ? A ZN 67 ? 1_555 SG ? A CYS 25 ? A CYS 24 ? 1_555 113.3 ? 
16 SG ? A CYS 16 ? A CYS 15 ? 1_555 ZN ? G ZN . ? A ZN 67 ? 1_555 SG ? A CYS 30 ? A CYS 29 ? 1_555 106.9 ? 
17 SG ? A CYS 20 ? A CYS 19 ? 1_555 ZN ? G ZN . ? A ZN 67 ? 1_555 SG ? A CYS 30 ? A CYS 29 ? 1_555 99.1  ? 
18 SG ? A CYS 25 ? A CYS 24 ? 1_555 ZN ? G ZN . ? A ZN 67 ? 1_555 SG ? A CYS 30 ? A CYS 29 ? 1_555 109.6 ? 
19 O  ? A CYS 30 ? A CYS 29 ? 1_555 NA ? I NA . ? A NA 69 ? 1_555 O  ? A ALA 43 ? A ALA 42 ? 8_665 93.1  ? 
20 O  ? A CYS 30 ? A CYS 29 ? 1_555 NA ? I NA . ? A NA 69 ? 1_555 O  ? J HOH .  ? A HOH 70 ? 1_555 160.9 ? 
21 O  ? A ALA 43 ? A ALA 42 ? 8_665 NA ? I NA . ? A NA 69 ? 1_555 O  ? J HOH .  ? A HOH 70 ? 1_555 85.5  ? 
22 O  ? A CYS 30 ? A CYS 29 ? 1_555 NA ? I NA . ? A NA 69 ? 1_555 O  ? J HOH .  ? A HOH 71 ? 1_555 86.5  ? 
23 O  ? A ALA 43 ? A ALA 42 ? 8_665 NA ? I NA . ? A NA 69 ? 1_555 O  ? J HOH .  ? A HOH 71 ? 1_555 144.6 ? 
24 O  ? J HOH .  ? A HOH 70 ? 1_555 NA ? I NA . ? A NA 69 ? 1_555 O  ? J HOH .  ? A HOH 71 ? 1_555 83.8  ? 
25 O  ? A CYS 30 ? A CYS 29 ? 1_555 NA ? I NA . ? A NA 69 ? 1_555 O  ? J HOH .  ? A HOH 72 ? 1_555 91.6  ? 
26 O  ? A ALA 43 ? A ALA 42 ? 8_665 NA ? I NA . ? A NA 69 ? 1_555 O  ? J HOH .  ? A HOH 72 ? 1_555 113.8 ? 
27 O  ? J HOH .  ? A HOH 70 ? 1_555 NA ? I NA . ? A NA 69 ? 1_555 O  ? J HOH .  ? A HOH 72 ? 1_555 106.4 ? 
28 O  ? J HOH .  ? A HOH 71 ? 1_555 NA ? I NA . ? A NA 69 ? 1_555 O  ? J HOH .  ? A HOH 72 ? 1_555 101.6 ? 
29 SG ? A CYS 34 ? A CYS 33 ? 1_555 CD ? C CD . ? A CD 63 ? 1_555 SG ? A CYS 35 ? A CYS 34 ? 1_555 115.0 ? 
30 SG ? A CYS 34 ? A CYS 33 ? 1_555 CD ? C CD . ? A CD 63 ? 1_555 SG ? A CYS 45 ? A CYS 44 ? 1_555 102.5 ? 
31 SG ? A CYS 35 ? A CYS 34 ? 1_555 CD ? C CD . ? A CD 63 ? 1_555 SG ? A CYS 45 ? A CYS 44 ? 1_555 114.9 ? 
32 SG ? A CYS 34 ? A CYS 33 ? 1_555 CD ? C CD . ? A CD 63 ? 1_555 SG ? A CYS 49 ? A CYS 48 ? 1_555 101.4 ? 
33 SG ? A CYS 35 ? A CYS 34 ? 1_555 CD ? C CD . ? A CD 63 ? 1_555 SG ? A CYS 49 ? A CYS 48 ? 1_555 111.8 ? 
34 SG ? A CYS 45 ? A CYS 44 ? 1_555 CD ? C CD . ? A CD 63 ? 1_555 SG ? A CYS 49 ? A CYS 48 ? 1_555 110.2 ? 
35 SG ? A CYS 35 ? A CYS 34 ? 1_555 CD ? E CD . ? A CD 65 ? 1_555 SG ? A CYS 37 ? A CYS 36 ? 1_555 97.9  ? 
36 SG ? A CYS 35 ? A CYS 34 ? 1_555 CD ? E CD . ? A CD 65 ? 1_555 SG ? A CYS 38 ? A CYS 37 ? 1_555 97.8  ? 
37 SG ? A CYS 37 ? A CYS 36 ? 1_555 CD ? E CD . ? A CD 65 ? 1_555 SG ? A CYS 38 ? A CYS 37 ? 1_555 132.2 ? 
38 SG ? A CYS 35 ? A CYS 34 ? 1_555 CD ? E CD . ? A CD 65 ? 1_555 SG ? A CYS 51 ? A CYS 50 ? 1_555 100.2 ? 
39 SG ? A CYS 37 ? A CYS 36 ? 1_555 CD ? E CD . ? A CD 65 ? 1_555 SG ? A CYS 51 ? A CYS 50 ? 1_555 113.2 ? 
40 SG ? A CYS 38 ? A CYS 37 ? 1_555 CD ? E CD . ? A CD 65 ? 1_555 SG ? A CYS 51 ? A CYS 50 ? 1_555 107.8 ? 
41 SG ? A CYS 38 ? A CYS 37 ? 1_555 CD ? D CD . ? A CD 64 ? 1_555 SG ? A CYS 42 ? A CYS 41 ? 1_555 99.9  ? 
42 SG ? A CYS 38 ? A CYS 37 ? 1_555 CD ? D CD . ? A CD 64 ? 1_555 SG ? A CYS 45 ? A CYS 44 ? 1_555 122.1 ? 
43 SG ? A CYS 42 ? A CYS 41 ? 1_555 CD ? D CD . ? A CD 64 ? 1_555 SG ? A CYS 45 ? A CYS 44 ? 1_555 118.9 ? 
44 SG ? A CYS 38 ? A CYS 37 ? 1_555 CD ? D CD . ? A CD 64 ? 1_555 SG ? A CYS 61 ? A CYS 60 ? 1_555 96.1  ? 
45 SG ? A CYS 42 ? A CYS 41 ? 1_555 CD ? D CD . ? A CD 64 ? 1_555 SG ? A CYS 61 ? A CYS 60 ? 1_555 101.0 ? 
46 SG ? A CYS 45 ? A CYS 44 ? 1_555 CD ? D CD . ? A CD 64 ? 1_555 SG ? A CYS 61 ? A CYS 60 ? 1_555 114.6 ? 
47 SG ? A CYS 51 ? A CYS 50 ? 1_555 CD ? B CD . ? A CD 62 ? 1_555 SG ? A CYS 58 ? A CYS 57 ? 1_555 116.5 ? 
48 SG ? A CYS 51 ? A CYS 50 ? 1_555 CD ? B CD . ? A CD 62 ? 1_555 SG ? A CYS 60 ? A CYS 59 ? 1_555 100.2 ? 
49 SG ? A CYS 58 ? A CYS 57 ? 1_555 CD ? B CD . ? A CD 62 ? 1_555 SG ? A CYS 60 ? A CYS 59 ? 1_555 111.7 ? 
50 SG ? A CYS 51 ? A CYS 50 ? 1_555 CD ? B CD . ? A CD 62 ? 1_555 SG ? A CYS 61 ? A CYS 60 ? 1_555 104.4 ? 
51 SG ? A CYS 58 ? A CYS 57 ? 1_555 CD ? B CD . ? A CD 62 ? 1_555 SG ? A CYS 61 ? A CYS 60 ? 1_555 102.3 ? 
52 SG ? A CYS 60 ? A CYS 59 ? 1_555 CD ? B CD . ? A CD 62 ? 1_555 SG ? A CYS 61 ? A CYS 60 ? 1_555 122.5 ? 
# 
_pdbx_modification_feature.ordinal                            1 
_pdbx_modification_feature.label_comp_id                      ACE 
_pdbx_modification_feature.label_asym_id                      A 
_pdbx_modification_feature.label_seq_id                       1 
_pdbx_modification_feature.label_alt_id                       ? 
_pdbx_modification_feature.modified_residue_label_comp_id     MET 
_pdbx_modification_feature.modified_residue_label_asym_id     A 
_pdbx_modification_feature.modified_residue_label_seq_id      2 
_pdbx_modification_feature.modified_residue_label_alt_id      ? 
_pdbx_modification_feature.auth_comp_id                       ACE 
_pdbx_modification_feature.auth_asym_id                       A 
_pdbx_modification_feature.auth_seq_id                        0 
_pdbx_modification_feature.PDB_ins_code                       ? 
_pdbx_modification_feature.symmetry                           1_555 
_pdbx_modification_feature.modified_residue_auth_comp_id      MET 
_pdbx_modification_feature.modified_residue_auth_asym_id      A 
_pdbx_modification_feature.modified_residue_auth_seq_id       1 
_pdbx_modification_feature.modified_residue_PDB_ins_code      ? 
_pdbx_modification_feature.modified_residue_symmetry          1_555 
_pdbx_modification_feature.comp_id_linking_atom               . 
_pdbx_modification_feature.modified_residue_id_linking_atom   . 
_pdbx_modification_feature.modified_residue_id                MET 
_pdbx_modification_feature.ref_pcm_id                         4 
_pdbx_modification_feature.ref_comp_id                        ACE 
_pdbx_modification_feature.type                               None 
_pdbx_modification_feature.category                           'Terminal acetylation' 
# 
loop_
_struct_site.id 
_struct_site.pdbx_evidence_code 
_struct_site.pdbx_auth_asym_id 
_struct_site.pdbx_auth_comp_id 
_struct_site.pdbx_auth_seq_id 
_struct_site.pdbx_auth_ins_code 
_struct_site.pdbx_num_residues 
_struct_site.details 
AC1 Software A CD 62 ? 5 'BINDING SITE FOR RESIDUE CD A 62' 
AC2 Software A CD 63 ? 4 'BINDING SITE FOR RESIDUE CD A 63' 
AC3 Software A CD 64 ? 4 'BINDING SITE FOR RESIDUE CD A 64' 
AC4 Software A CD 65 ? 5 'BINDING SITE FOR RESIDUE CD A 65' 
AC5 Software A CD 66 ? 4 'BINDING SITE FOR RESIDUE CD A 66' 
AC6 Software A ZN 67 ? 4 'BINDING SITE FOR RESIDUE ZN A 67' 
AC7 Software A ZN 68 ? 4 'BINDING SITE FOR RESIDUE ZN A 68' 
AC8 Software A NA 69 ? 6 'BINDING SITE FOR RESIDUE NA A 69' 
# 
loop_
_struct_site_gen.id 
_struct_site_gen.site_id 
_struct_site_gen.pdbx_num_res 
_struct_site_gen.label_comp_id 
_struct_site_gen.label_asym_id 
_struct_site_gen.label_seq_id 
_struct_site_gen.pdbx_auth_ins_code 
_struct_site_gen.auth_comp_id 
_struct_site_gen.auth_asym_id 
_struct_site_gen.auth_seq_id 
_struct_site_gen.label_atom_id 
_struct_site_gen.label_alt_id 
_struct_site_gen.symmetry 
_struct_site_gen.details 
1  AC1 5 CYS A 51 ? CYS A 50 . ? 1_555 ? 
2  AC1 5 CYS A 58 ? CYS A 57 . ? 1_555 ? 
3  AC1 5 CYS A 60 ? CYS A 59 . ? 1_555 ? 
4  AC1 5 CYS A 61 ? CYS A 60 . ? 1_555 ? 
5  AC1 5 CD  E .  ? CD  A 65 . ? 1_555 ? 
6  AC2 4 CYS A 34 ? CYS A 33 . ? 1_555 ? 
7  AC2 4 CYS A 35 ? CYS A 34 . ? 1_555 ? 
8  AC2 4 CYS A 45 ? CYS A 44 . ? 1_555 ? 
9  AC2 4 CYS A 49 ? CYS A 48 . ? 1_555 ? 
10 AC3 4 CYS A 38 ? CYS A 37 . ? 1_555 ? 
11 AC3 4 CYS A 42 ? CYS A 41 . ? 1_555 ? 
12 AC3 4 CYS A 45 ? CYS A 44 . ? 1_555 ? 
13 AC3 4 CYS A 61 ? CYS A 60 . ? 1_555 ? 
14 AC4 5 CYS A 35 ? CYS A 34 . ? 1_555 ? 
15 AC4 5 CYS A 37 ? CYS A 36 . ? 1_555 ? 
16 AC4 5 CYS A 38 ? CYS A 37 . ? 1_555 ? 
17 AC4 5 CYS A 51 ? CYS A 50 . ? 1_555 ? 
18 AC4 5 CD  B .  ? CD  A 62 . ? 1_555 ? 
19 AC5 4 CYS A 6  ? CYS A 5  . ? 1_555 ? 
20 AC5 4 CYS A 8  ? CYS A 7  . ? 1_555 ? 
21 AC5 4 CYS A 22 ? CYS A 21 . ? 1_555 ? 
22 AC5 4 CYS A 25 ? CYS A 24 . ? 1_555 ? 
23 AC6 4 CYS A 16 ? CYS A 15 . ? 1_555 ? 
24 AC6 4 CYS A 20 ? CYS A 19 . ? 1_555 ? 
25 AC6 4 CYS A 25 ? CYS A 24 . ? 1_555 ? 
26 AC6 4 CYS A 30 ? CYS A 29 . ? 1_555 ? 
27 AC7 4 CYS A 8  ? CYS A 7  . ? 1_555 ? 
28 AC7 4 CYS A 14 ? CYS A 13 . ? 1_555 ? 
29 AC7 4 CYS A 16 ? CYS A 15 . ? 1_555 ? 
30 AC7 4 CYS A 27 ? CYS A 26 . ? 1_555 ? 
31 AC8 6 CYS A 30 ? CYS A 29 . ? 1_555 ? 
32 AC8 6 ALA A 43 ? ALA A 42 . ? 8_665 ? 
33 AC8 6 SER A 46 ? SER A 45 . ? 8_665 ? 
34 AC8 6 HOH J .  ? HOH A 70 . ? 1_555 ? 
35 AC8 6 HOH J .  ? HOH A 71 . ? 1_555 ? 
36 AC8 6 HOH J .  ? HOH A 72 . ? 1_555 ? 
# 
_pdbx_entry_details.entry_id                   4MT2 
_pdbx_entry_details.compound_details           'TURN *T2* HAS A LEFT HANDED ALPHA CONFORMATION.' 
_pdbx_entry_details.source_details             ? 
_pdbx_entry_details.nonpolymer_details         
;THE NUMBERING CONVENTION FOR THE FIVE CADMIUM ATOMS FOLLOWS
THOSE USED IN THE NMR LITERATURE (SEE M. VASAK ET AL.,
J.MOL.BIOL. 196,711-719 (1987)).  ZN1 AND ZN2 REPLACE CD2
AND CD3 IN THE CD(7) NMR STRUCTURES, RESPECTIVELY.  BECAUSE
NO ELECTRON DENSITY IS PRESENT AT THE ZINC POSITIONS IN AN
ANOMALOUS DIFFERENCE FOURIER MAP, THE AUTHORS BELIEVE THAT
LITTLE OR NO CADMIUM IS PRESENT AT THESE SITES.  IN THESE
MAPS, THE ELECTRON DENSITY FOR THE ISOLATED CADMIUM ATOM
IN THE CDZN(2) CLUSTER IS COMPARABLE TO THAT OBSERVED AT
EACH OF THE OTHER FOUR CADMIUM LOCATIONS.

RESIDUE NA 1 IS OCTAHEDRALLY COORDINATED TO THE OXYGEN OF
RESIDUES HOH 1, HOH 2, HOH 3 AND THE OXYGEN OF ALA 42' AND
OG OF SER 45' IN A SYMMETRY RELATED MOLECULE.
;
_pdbx_entry_details.sequence_details           ? 
_pdbx_entry_details.has_ligand_of_interest     ? 
_pdbx_entry_details.has_protein_modification   Y 
# 
loop_
_pdbx_validate_torsion.id 
_pdbx_validate_torsion.PDB_model_num 
_pdbx_validate_torsion.auth_comp_id 
_pdbx_validate_torsion.auth_asym_id 
_pdbx_validate_torsion.auth_seq_id 
_pdbx_validate_torsion.PDB_ins_code 
_pdbx_validate_torsion.label_alt_id 
_pdbx_validate_torsion.phi 
_pdbx_validate_torsion.psi 
1 1 ASP A 2  ? ? -59.73  176.69  
2 1 ALA A 16 ? ? 32.88   62.68   
3 1 GLU A 52 ? ? -69.17  43.30   
4 1 SER A 54 ? ? 108.90  -128.84 
5 1 ASP A 55 ? ? 47.08   -94.42  
6 1 LYS A 56 ? ? -171.29 144.77  
# 
loop_
_chem_comp_atom.comp_id 
_chem_comp_atom.atom_id 
_chem_comp_atom.type_symbol 
_chem_comp_atom.pdbx_aromatic_flag 
_chem_comp_atom.pdbx_stereo_config 
_chem_comp_atom.pdbx_ordinal 
ACE C    C  N N 1   
ACE O    O  N N 2   
ACE CH3  C  N N 3   
ACE H    H  N N 4   
ACE H1   H  N N 5   
ACE H2   H  N N 6   
ACE H3   H  N N 7   
ALA N    N  N N 8   
ALA CA   C  N S 9   
ALA C    C  N N 10  
ALA O    O  N N 11  
ALA CB   C  N N 12  
ALA OXT  O  N N 13  
ALA H    H  N N 14  
ALA H2   H  N N 15  
ALA HA   H  N N 16  
ALA HB1  H  N N 17  
ALA HB2  H  N N 18  
ALA HB3  H  N N 19  
ALA HXT  H  N N 20  
ASN N    N  N N 21  
ASN CA   C  N S 22  
ASN C    C  N N 23  
ASN O    O  N N 24  
ASN CB   C  N N 25  
ASN CG   C  N N 26  
ASN OD1  O  N N 27  
ASN ND2  N  N N 28  
ASN OXT  O  N N 29  
ASN H    H  N N 30  
ASN H2   H  N N 31  
ASN HA   H  N N 32  
ASN HB2  H  N N 33  
ASN HB3  H  N N 34  
ASN HD21 H  N N 35  
ASN HD22 H  N N 36  
ASN HXT  H  N N 37  
ASP N    N  N N 38  
ASP CA   C  N S 39  
ASP C    C  N N 40  
ASP O    O  N N 41  
ASP CB   C  N N 42  
ASP CG   C  N N 43  
ASP OD1  O  N N 44  
ASP OD2  O  N N 45  
ASP OXT  O  N N 46  
ASP H    H  N N 47  
ASP H2   H  N N 48  
ASP HA   H  N N 49  
ASP HB2  H  N N 50  
ASP HB3  H  N N 51  
ASP HD2  H  N N 52  
ASP HXT  H  N N 53  
CD  CD   CD N N 54  
CYS N    N  N N 55  
CYS CA   C  N R 56  
CYS C    C  N N 57  
CYS O    O  N N 58  
CYS CB   C  N N 59  
CYS SG   S  N N 60  
CYS OXT  O  N N 61  
CYS H    H  N N 62  
CYS H2   H  N N 63  
CYS HA   H  N N 64  
CYS HB2  H  N N 65  
CYS HB3  H  N N 66  
CYS HG   H  N N 67  
CYS HXT  H  N N 68  
GLN N    N  N N 69  
GLN CA   C  N S 70  
GLN C    C  N N 71  
GLN O    O  N N 72  
GLN CB   C  N N 73  
GLN CG   C  N N 74  
GLN CD   C  N N 75  
GLN OE1  O  N N 76  
GLN NE2  N  N N 77  
GLN OXT  O  N N 78  
GLN H    H  N N 79  
GLN H2   H  N N 80  
GLN HA   H  N N 81  
GLN HB2  H  N N 82  
GLN HB3  H  N N 83  
GLN HG2  H  N N 84  
GLN HG3  H  N N 85  
GLN HE21 H  N N 86  
GLN HE22 H  N N 87  
GLN HXT  H  N N 88  
GLU N    N  N N 89  
GLU CA   C  N S 90  
GLU C    C  N N 91  
GLU O    O  N N 92  
GLU CB   C  N N 93  
GLU CG   C  N N 94  
GLU CD   C  N N 95  
GLU OE1  O  N N 96  
GLU OE2  O  N N 97  
GLU OXT  O  N N 98  
GLU H    H  N N 99  
GLU H2   H  N N 100 
GLU HA   H  N N 101 
GLU HB2  H  N N 102 
GLU HB3  H  N N 103 
GLU HG2  H  N N 104 
GLU HG3  H  N N 105 
GLU HE2  H  N N 106 
GLU HXT  H  N N 107 
GLY N    N  N N 108 
GLY CA   C  N N 109 
GLY C    C  N N 110 
GLY O    O  N N 111 
GLY OXT  O  N N 112 
GLY H    H  N N 113 
GLY H2   H  N N 114 
GLY HA2  H  N N 115 
GLY HA3  H  N N 116 
GLY HXT  H  N N 117 
HOH O    O  N N 118 
HOH H1   H  N N 119 
HOH H2   H  N N 120 
ILE N    N  N N 121 
ILE CA   C  N S 122 
ILE C    C  N N 123 
ILE O    O  N N 124 
ILE CB   C  N S 125 
ILE CG1  C  N N 126 
ILE CG2  C  N N 127 
ILE CD1  C  N N 128 
ILE OXT  O  N N 129 
ILE H    H  N N 130 
ILE H2   H  N N 131 
ILE HA   H  N N 132 
ILE HB   H  N N 133 
ILE HG12 H  N N 134 
ILE HG13 H  N N 135 
ILE HG21 H  N N 136 
ILE HG22 H  N N 137 
ILE HG23 H  N N 138 
ILE HD11 H  N N 139 
ILE HD12 H  N N 140 
ILE HD13 H  N N 141 
ILE HXT  H  N N 142 
LYS N    N  N N 143 
LYS CA   C  N S 144 
LYS C    C  N N 145 
LYS O    O  N N 146 
LYS CB   C  N N 147 
LYS CG   C  N N 148 
LYS CD   C  N N 149 
LYS CE   C  N N 150 
LYS NZ   N  N N 151 
LYS OXT  O  N N 152 
LYS H    H  N N 153 
LYS H2   H  N N 154 
LYS HA   H  N N 155 
LYS HB2  H  N N 156 
LYS HB3  H  N N 157 
LYS HG2  H  N N 158 
LYS HG3  H  N N 159 
LYS HD2  H  N N 160 
LYS HD3  H  N N 161 
LYS HE2  H  N N 162 
LYS HE3  H  N N 163 
LYS HZ1  H  N N 164 
LYS HZ2  H  N N 165 
LYS HZ3  H  N N 166 
LYS HXT  H  N N 167 
MET N    N  N N 168 
MET CA   C  N S 169 
MET C    C  N N 170 
MET O    O  N N 171 
MET CB   C  N N 172 
MET CG   C  N N 173 
MET SD   S  N N 174 
MET CE   C  N N 175 
MET OXT  O  N N 176 
MET H    H  N N 177 
MET H2   H  N N 178 
MET HA   H  N N 179 
MET HB2  H  N N 180 
MET HB3  H  N N 181 
MET HG2  H  N N 182 
MET HG3  H  N N 183 
MET HE1  H  N N 184 
MET HE2  H  N N 185 
MET HE3  H  N N 186 
MET HXT  H  N N 187 
NA  NA   NA N N 188 
PRO N    N  N N 189 
PRO CA   C  N S 190 
PRO C    C  N N 191 
PRO O    O  N N 192 
PRO CB   C  N N 193 
PRO CG   C  N N 194 
PRO CD   C  N N 195 
PRO OXT  O  N N 196 
PRO H    H  N N 197 
PRO HA   H  N N 198 
PRO HB2  H  N N 199 
PRO HB3  H  N N 200 
PRO HG2  H  N N 201 
PRO HG3  H  N N 202 
PRO HD2  H  N N 203 
PRO HD3  H  N N 204 
PRO HXT  H  N N 205 
SER N    N  N N 206 
SER CA   C  N S 207 
SER C    C  N N 208 
SER O    O  N N 209 
SER CB   C  N N 210 
SER OG   O  N N 211 
SER OXT  O  N N 212 
SER H    H  N N 213 
SER H2   H  N N 214 
SER HA   H  N N 215 
SER HB2  H  N N 216 
SER HB3  H  N N 217 
SER HG   H  N N 218 
SER HXT  H  N N 219 
THR N    N  N N 220 
THR CA   C  N S 221 
THR C    C  N N 222 
THR O    O  N N 223 
THR CB   C  N R 224 
THR OG1  O  N N 225 
THR CG2  C  N N 226 
THR OXT  O  N N 227 
THR H    H  N N 228 
THR H2   H  N N 229 
THR HA   H  N N 230 
THR HB   H  N N 231 
THR HG1  H  N N 232 
THR HG21 H  N N 233 
THR HG22 H  N N 234 
THR HG23 H  N N 235 
THR HXT  H  N N 236 
VAL N    N  N N 237 
VAL CA   C  N S 238 
VAL C    C  N N 239 
VAL O    O  N N 240 
VAL CB   C  N N 241 
VAL CG1  C  N N 242 
VAL CG2  C  N N 243 
VAL OXT  O  N N 244 
VAL H    H  N N 245 
VAL H2   H  N N 246 
VAL HA   H  N N 247 
VAL HB   H  N N 248 
VAL HG11 H  N N 249 
VAL HG12 H  N N 250 
VAL HG13 H  N N 251 
VAL HG21 H  N N 252 
VAL HG22 H  N N 253 
VAL HG23 H  N N 254 
VAL HXT  H  N N 255 
ZN  ZN   ZN N N 256 
# 
loop_
_chem_comp_bond.comp_id 
_chem_comp_bond.atom_id_1 
_chem_comp_bond.atom_id_2 
_chem_comp_bond.value_order 
_chem_comp_bond.pdbx_aromatic_flag 
_chem_comp_bond.pdbx_stereo_config 
_chem_comp_bond.pdbx_ordinal 
ACE C   O    doub N N 1   
ACE C   CH3  sing N N 2   
ACE C   H    sing N N 3   
ACE CH3 H1   sing N N 4   
ACE CH3 H2   sing N N 5   
ACE CH3 H3   sing N N 6   
ALA N   CA   sing N N 7   
ALA N   H    sing N N 8   
ALA N   H2   sing N N 9   
ALA CA  C    sing N N 10  
ALA CA  CB   sing N N 11  
ALA CA  HA   sing N N 12  
ALA C   O    doub N N 13  
ALA C   OXT  sing N N 14  
ALA CB  HB1  sing N N 15  
ALA CB  HB2  sing N N 16  
ALA CB  HB3  sing N N 17  
ALA OXT HXT  sing N N 18  
ASN N   CA   sing N N 19  
ASN N   H    sing N N 20  
ASN N   H2   sing N N 21  
ASN CA  C    sing N N 22  
ASN CA  CB   sing N N 23  
ASN CA  HA   sing N N 24  
ASN C   O    doub N N 25  
ASN C   OXT  sing N N 26  
ASN CB  CG   sing N N 27  
ASN CB  HB2  sing N N 28  
ASN CB  HB3  sing N N 29  
ASN CG  OD1  doub N N 30  
ASN CG  ND2  sing N N 31  
ASN ND2 HD21 sing N N 32  
ASN ND2 HD22 sing N N 33  
ASN OXT HXT  sing N N 34  
ASP N   CA   sing N N 35  
ASP N   H    sing N N 36  
ASP N   H2   sing N N 37  
ASP CA  C    sing N N 38  
ASP CA  CB   sing N N 39  
ASP CA  HA   sing N N 40  
ASP C   O    doub N N 41  
ASP C   OXT  sing N N 42  
ASP CB  CG   sing N N 43  
ASP CB  HB2  sing N N 44  
ASP CB  HB3  sing N N 45  
ASP CG  OD1  doub N N 46  
ASP CG  OD2  sing N N 47  
ASP OD2 HD2  sing N N 48  
ASP OXT HXT  sing N N 49  
CYS N   CA   sing N N 50  
CYS N   H    sing N N 51  
CYS N   H2   sing N N 52  
CYS CA  C    sing N N 53  
CYS CA  CB   sing N N 54  
CYS CA  HA   sing N N 55  
CYS C   O    doub N N 56  
CYS C   OXT  sing N N 57  
CYS CB  SG   sing N N 58  
CYS CB  HB2  sing N N 59  
CYS CB  HB3  sing N N 60  
CYS SG  HG   sing N N 61  
CYS OXT HXT  sing N N 62  
GLN N   CA   sing N N 63  
GLN N   H    sing N N 64  
GLN N   H2   sing N N 65  
GLN CA  C    sing N N 66  
GLN CA  CB   sing N N 67  
GLN CA  HA   sing N N 68  
GLN C   O    doub N N 69  
GLN C   OXT  sing N N 70  
GLN CB  CG   sing N N 71  
GLN CB  HB2  sing N N 72  
GLN CB  HB3  sing N N 73  
GLN CG  CD   sing N N 74  
GLN CG  HG2  sing N N 75  
GLN CG  HG3  sing N N 76  
GLN CD  OE1  doub N N 77  
GLN CD  NE2  sing N N 78  
GLN NE2 HE21 sing N N 79  
GLN NE2 HE22 sing N N 80  
GLN OXT HXT  sing N N 81  
GLU N   CA   sing N N 82  
GLU N   H    sing N N 83  
GLU N   H2   sing N N 84  
GLU CA  C    sing N N 85  
GLU CA  CB   sing N N 86  
GLU CA  HA   sing N N 87  
GLU C   O    doub N N 88  
GLU C   OXT  sing N N 89  
GLU CB  CG   sing N N 90  
GLU CB  HB2  sing N N 91  
GLU CB  HB3  sing N N 92  
GLU CG  CD   sing N N 93  
GLU CG  HG2  sing N N 94  
GLU CG  HG3  sing N N 95  
GLU CD  OE1  doub N N 96  
GLU CD  OE2  sing N N 97  
GLU OE2 HE2  sing N N 98  
GLU OXT HXT  sing N N 99  
GLY N   CA   sing N N 100 
GLY N   H    sing N N 101 
GLY N   H2   sing N N 102 
GLY CA  C    sing N N 103 
GLY CA  HA2  sing N N 104 
GLY CA  HA3  sing N N 105 
GLY C   O    doub N N 106 
GLY C   OXT  sing N N 107 
GLY OXT HXT  sing N N 108 
HOH O   H1   sing N N 109 
HOH O   H2   sing N N 110 
ILE N   CA   sing N N 111 
ILE N   H    sing N N 112 
ILE N   H2   sing N N 113 
ILE CA  C    sing N N 114 
ILE CA  CB   sing N N 115 
ILE CA  HA   sing N N 116 
ILE C   O    doub N N 117 
ILE C   OXT  sing N N 118 
ILE CB  CG1  sing N N 119 
ILE CB  CG2  sing N N 120 
ILE CB  HB   sing N N 121 
ILE CG1 CD1  sing N N 122 
ILE CG1 HG12 sing N N 123 
ILE CG1 HG13 sing N N 124 
ILE CG2 HG21 sing N N 125 
ILE CG2 HG22 sing N N 126 
ILE CG2 HG23 sing N N 127 
ILE CD1 HD11 sing N N 128 
ILE CD1 HD12 sing N N 129 
ILE CD1 HD13 sing N N 130 
ILE OXT HXT  sing N N 131 
LYS N   CA   sing N N 132 
LYS N   H    sing N N 133 
LYS N   H2   sing N N 134 
LYS CA  C    sing N N 135 
LYS CA  CB   sing N N 136 
LYS CA  HA   sing N N 137 
LYS C   O    doub N N 138 
LYS C   OXT  sing N N 139 
LYS CB  CG   sing N N 140 
LYS CB  HB2  sing N N 141 
LYS CB  HB3  sing N N 142 
LYS CG  CD   sing N N 143 
LYS CG  HG2  sing N N 144 
LYS CG  HG3  sing N N 145 
LYS CD  CE   sing N N 146 
LYS CD  HD2  sing N N 147 
LYS CD  HD3  sing N N 148 
LYS CE  NZ   sing N N 149 
LYS CE  HE2  sing N N 150 
LYS CE  HE3  sing N N 151 
LYS NZ  HZ1  sing N N 152 
LYS NZ  HZ2  sing N N 153 
LYS NZ  HZ3  sing N N 154 
LYS OXT HXT  sing N N 155 
MET N   CA   sing N N 156 
MET N   H    sing N N 157 
MET N   H2   sing N N 158 
MET CA  C    sing N N 159 
MET CA  CB   sing N N 160 
MET CA  HA   sing N N 161 
MET C   O    doub N N 162 
MET C   OXT  sing N N 163 
MET CB  CG   sing N N 164 
MET CB  HB2  sing N N 165 
MET CB  HB3  sing N N 166 
MET CG  SD   sing N N 167 
MET CG  HG2  sing N N 168 
MET CG  HG3  sing N N 169 
MET SD  CE   sing N N 170 
MET CE  HE1  sing N N 171 
MET CE  HE2  sing N N 172 
MET CE  HE3  sing N N 173 
MET OXT HXT  sing N N 174 
PRO N   CA   sing N N 175 
PRO N   CD   sing N N 176 
PRO N   H    sing N N 177 
PRO CA  C    sing N N 178 
PRO CA  CB   sing N N 179 
PRO CA  HA   sing N N 180 
PRO C   O    doub N N 181 
PRO C   OXT  sing N N 182 
PRO CB  CG   sing N N 183 
PRO CB  HB2  sing N N 184 
PRO CB  HB3  sing N N 185 
PRO CG  CD   sing N N 186 
PRO CG  HG2  sing N N 187 
PRO CG  HG3  sing N N 188 
PRO CD  HD2  sing N N 189 
PRO CD  HD3  sing N N 190 
PRO OXT HXT  sing N N 191 
SER N   CA   sing N N 192 
SER N   H    sing N N 193 
SER N   H2   sing N N 194 
SER CA  C    sing N N 195 
SER CA  CB   sing N N 196 
SER CA  HA   sing N N 197 
SER C   O    doub N N 198 
SER C   OXT  sing N N 199 
SER CB  OG   sing N N 200 
SER CB  HB2  sing N N 201 
SER CB  HB3  sing N N 202 
SER OG  HG   sing N N 203 
SER OXT HXT  sing N N 204 
THR N   CA   sing N N 205 
THR N   H    sing N N 206 
THR N   H2   sing N N 207 
THR CA  C    sing N N 208 
THR CA  CB   sing N N 209 
THR CA  HA   sing N N 210 
THR C   O    doub N N 211 
THR C   OXT  sing N N 212 
THR CB  OG1  sing N N 213 
THR CB  CG2  sing N N 214 
THR CB  HB   sing N N 215 
THR OG1 HG1  sing N N 216 
THR CG2 HG21 sing N N 217 
THR CG2 HG22 sing N N 218 
THR CG2 HG23 sing N N 219 
THR OXT HXT  sing N N 220 
VAL N   CA   sing N N 221 
VAL N   H    sing N N 222 
VAL N   H2   sing N N 223 
VAL CA  C    sing N N 224 
VAL CA  CB   sing N N 225 
VAL CA  HA   sing N N 226 
VAL C   O    doub N N 227 
VAL C   OXT  sing N N 228 
VAL CB  CG1  sing N N 229 
VAL CB  CG2  sing N N 230 
VAL CB  HB   sing N N 231 
VAL CG1 HG11 sing N N 232 
VAL CG1 HG12 sing N N 233 
VAL CG1 HG13 sing N N 234 
VAL CG2 HG21 sing N N 235 
VAL CG2 HG22 sing N N 236 
VAL CG2 HG23 sing N N 237 
VAL OXT HXT  sing N N 238 
# 
_atom_sites.entry_id                    4MT2 
_atom_sites.fract_transf_matrix[1][1]   0.01375058 
_atom_sites.fract_transf_matrix[1][2]   0.02637548 
_atom_sites.fract_transf_matrix[1][3]   0.01274968 
_atom_sites.fract_transf_matrix[2][1]   0.00695487 
_atom_sites.fract_transf_matrix[2][2]   0.01074256 
_atom_sites.fract_transf_matrix[2][3]   -0.02972417 
_atom_sites.fract_transf_matrix[3][1]   -0.00730397 
_atom_sites.fract_transf_matrix[3][2]   0.00394479 
_atom_sites.fract_transf_matrix[3][3]   -0.00028330 
_atom_sites.fract_transf_vector[1]      0.503918 
_atom_sites.fract_transf_vector[2]      0.316396 
_atom_sites.fract_transf_vector[3]      0.308588 
# 
loop_
_atom_type.symbol 
C  
CD 
N  
NA 
O  
S  
ZN 
# 
loop_
_atom_site.group_PDB 
_atom_site.id 
_atom_site.type_symbol 
_atom_site.label_atom_id 
_atom_site.label_alt_id 
_atom_site.label_comp_id 
_atom_site.label_asym_id 
_atom_site.label_entity_id 
_atom_site.label_seq_id 
_atom_site.pdbx_PDB_ins_code 
_atom_site.Cartn_x 
_atom_site.Cartn_y 
_atom_site.Cartn_z 
_atom_site.occupancy 
_atom_site.B_iso_or_equiv 
_atom_site.pdbx_formal_charge 
_atom_site.auth_seq_id 
_atom_site.auth_comp_id 
_atom_site.auth_asym_id 
_atom_site.auth_atom_id 
_atom_site.pdbx_PDB_model_num 
HETATM 1   C  C   . ACE A 1 1  ? -8.557  11.183  -10.654 1.00 43.19 ? 0   ACE A C   1 
HETATM 2   O  O   . ACE A 1 1  ? -9.391  10.752  -11.468 1.00 43.42 ? 0   ACE A O   1 
HETATM 3   C  CH3 . ACE A 1 1  ? -7.621  12.332  -11.071 1.00 42.90 ? 0   ACE A CH3 1 
ATOM   4   N  N   . MET A 1 2  ? -8.498  10.719  -9.385  1.00 42.63 ? 1   MET A N   1 
ATOM   5   C  CA  . MET A 1 2  ? -9.304  9.620   -8.882  1.00 42.60 ? 1   MET A CA  1 
ATOM   6   C  C   . MET A 1 2  ? -9.176  8.454   -9.864  1.00 41.99 ? 1   MET A C   1 
ATOM   7   O  O   . MET A 1 2  ? -10.152 7.815   -10.309 1.00 42.76 ? 1   MET A O   1 
ATOM   8   C  CB  . MET A 1 2  ? -10.816 9.971   -8.730  1.00 43.63 ? 1   MET A CB  1 
ATOM   9   C  CG  . MET A 1 2  ? -11.324 11.387  -8.988  1.00 0.00  ? 1   MET A CG  1 
ATOM   10  S  SD  . MET A 1 2  ? -12.281 11.658  -10.525 1.00 46.77 ? 1   MET A SD  1 
ATOM   11  C  CE  . MET A 1 2  ? -13.634 12.510  -9.739  1.00 46.24 ? 1   MET A CE  1 
ATOM   12  N  N   . ASP A 1 3  ? -7.889  8.210   -10.195 1.00 41.00 ? 2   ASP A N   1 
ATOM   13  C  CA  . ASP A 1 3  ? -7.500  7.277   -11.246 1.00 39.84 ? 2   ASP A CA  1 
ATOM   14  C  C   . ASP A 1 3  ? -7.993  5.857   -10.970 1.00 39.26 ? 2   ASP A C   1 
ATOM   15  O  O   . ASP A 1 3  ? -8.570  5.703   -9.909  1.00 40.02 ? 2   ASP A O   1 
ATOM   16  C  CB  . ASP A 1 3  ? -5.986  7.390   -11.332 1.00 38.53 ? 2   ASP A CB  1 
ATOM   17  C  CG  . ASP A 1 3  ? -5.165  6.535   -10.382 1.00 37.22 ? 2   ASP A CG  1 
ATOM   18  O  OD1 . ASP A 1 3  ? -4.958  5.370   -10.719 1.00 37.51 ? 2   ASP A OD1 1 
ATOM   19  O  OD2 . ASP A 1 3  ? -4.690  7.008   -9.343  1.00 36.40 ? 2   ASP A OD2 1 
ATOM   20  N  N   . PRO A 1 4  ? -7.905  4.735   -11.696 1.00 38.00 ? 3   PRO A N   1 
ATOM   21  C  CA  . PRO A 1 4  ? -8.503  3.463   -11.280 1.00 38.09 ? 3   PRO A CA  1 
ATOM   22  C  C   . PRO A 1 4  ? -7.962  3.012   -9.897  1.00 36.77 ? 3   PRO A C   1 
ATOM   23  O  O   . PRO A 1 4  ? -8.664  2.433   -9.031  1.00 36.20 ? 3   PRO A O   1 
ATOM   24  C  CB  . PRO A 1 4  ? -8.128  2.537   -12.439 1.00 38.10 ? 3   PRO A CB  1 
ATOM   25  C  CG  . PRO A 1 4  ? -6.747  2.986   -12.857 1.00 38.12 ? 3   PRO A CG  1 
ATOM   26  C  CD  . PRO A 1 4  ? -7.023  4.500   -12.857 1.00 38.46 ? 3   PRO A CD  1 
ATOM   27  N  N   . ASN A 1 5  ? -6.657  3.313   -9.708  1.00 34.97 ? 4   ASN A N   1 
ATOM   28  C  CA  . ASN A 1 5  ? -5.923  2.893   -8.539  1.00 33.01 ? 4   ASN A CA  1 
ATOM   29  C  C   . ASN A 1 5  ? -5.978  3.751   -7.296  1.00 31.07 ? 4   ASN A C   1 
ATOM   30  O  O   . ASN A 1 5  ? -5.524  3.199   -6.299  1.00 30.88 ? 4   ASN A O   1 
ATOM   31  C  CB  . ASN A 1 5  ? -4.447  2.664   -8.919  1.00 33.93 ? 4   ASN A CB  1 
ATOM   32  C  CG  . ASN A 1 5  ? -4.256  1.659   -10.047 1.00 33.96 ? 4   ASN A CG  1 
ATOM   33  O  OD1 . ASN A 1 5  ? -3.191  1.642   -10.665 1.00 33.86 ? 4   ASN A OD1 1 
ATOM   34  N  ND2 . ASN A 1 5  ? -5.200  0.803   -10.460 1.00 34.38 ? 4   ASN A ND2 1 
ATOM   35  N  N   . CYS A 1 6  ? -6.433  4.989   -7.283  1.00 28.59 ? 5   CYS A N   1 
ATOM   36  C  CA  . CYS A 1 6  ? -6.671  5.826   -6.099  1.00 26.51 ? 5   CYS A CA  1 
ATOM   37  C  C   . CYS A 1 6  ? -8.052  6.481   -6.349  1.00 25.54 ? 5   CYS A C   1 
ATOM   38  O  O   . CYS A 1 6  ? -8.331  6.984   -7.439  1.00 24.89 ? 5   CYS A O   1 
ATOM   39  C  CB  . CYS A 1 6  ? -5.555  6.936   -5.949  1.00 25.89 ? 5   CYS A CB  1 
ATOM   40  S  SG  . CYS A 1 6  ? -5.774  8.186   -4.617  1.00 25.13 ? 5   CYS A SG  1 
ATOM   41  N  N   . SER A 1 7  ? -8.996  6.447   -5.424  1.00 24.63 ? 6   SER A N   1 
ATOM   42  C  CA  . SER A 1 7  ? -10.244 7.192   -5.593  1.00 24.16 ? 6   SER A CA  1 
ATOM   43  C  C   . SER A 1 7  ? -10.268 8.556   -4.889  1.00 23.38 ? 6   SER A C   1 
ATOM   44  O  O   . SER A 1 7  ? -11.307 9.223   -4.870  1.00 23.64 ? 6   SER A O   1 
ATOM   45  C  CB  . SER A 1 7  ? -11.371 6.370   -5.074  1.00 24.60 ? 6   SER A CB  1 
ATOM   46  O  OG  . SER A 1 7  ? -11.396 5.114   -5.733  1.00 0.00  ? 6   SER A OG  1 
ATOM   47  N  N   . CYS A 1 8  ? -9.150  9.039   -4.353  1.00 22.37 ? 7   CYS A N   1 
ATOM   48  C  CA  . CYS A 1 8  ? -9.144  10.251  -3.568  1.00 21.77 ? 7   CYS A CA  1 
ATOM   49  C  C   . CYS A 1 8  ? -9.177  11.545  -4.379  1.00 21.70 ? 7   CYS A C   1 
ATOM   50  O  O   . CYS A 1 8  ? -8.938  11.610  -5.593  1.00 21.99 ? 7   CYS A O   1 
ATOM   51  C  CB  . CYS A 1 8  ? -7.908  10.251  -2.749  1.00 21.93 ? 7   CYS A CB  1 
ATOM   52  S  SG  . CYS A 1 8  ? -7.882  8.887   -1.605  1.00 22.54 ? 7   CYS A SG  1 
ATOM   53  N  N   . ALA A 1 9  ? -9.389  12.623  -3.637  1.00 21.70 ? 8   ALA A N   1 
ATOM   54  C  CA  . ALA A 1 9  ? -9.331  13.941  -4.219  1.00 21.65 ? 8   ALA A CA  1 
ATOM   55  C  C   . ALA A 1 9  ? -7.847  14.149  -4.495  1.00 21.68 ? 8   ALA A C   1 
ATOM   56  O  O   . ALA A 1 9  ? -6.991  13.786  -3.702  1.00 21.08 ? 8   ALA A O   1 
ATOM   57  C  CB  . ALA A 1 9  ? -9.798  15.007  -3.251  1.00 21.92 ? 8   ALA A CB  1 
ATOM   58  N  N   . THR A 1 10 ? -7.577  14.819  -5.594  1.00 21.73 ? 9   THR A N   1 
ATOM   59  C  CA  . THR A 1 10 ? -6.237  14.979  -6.139  1.00 22.02 ? 9   THR A CA  1 
ATOM   60  C  C   . THR A 1 10 ? -5.755  16.399  -5.936  1.00 22.40 ? 9   THR A C   1 
ATOM   61  O  O   . THR A 1 10 ? -5.012  16.938  -6.760  1.00 22.05 ? 9   THR A O   1 
ATOM   62  C  CB  . THR A 1 10 ? -6.319  14.616  -7.636  1.00 22.21 ? 9   THR A CB  1 
ATOM   63  O  OG1 . THR A 1 10 ? -7.601  15.085  -8.133  1.00 23.85 ? 9   THR A OG1 1 
ATOM   64  C  CG2 . THR A 1 10 ? -6.195  13.120  -7.858  1.00 22.37 ? 9   THR A CG2 1 
ATOM   65  N  N   . ASP A 1 11 ? -6.165  17.059  -4.875  1.00 23.88 ? 10  ASP A N   1 
ATOM   66  C  CA  . ASP A 1 11 ? -5.841  18.461  -4.647  1.00 24.90 ? 10  ASP A CA  1 
ATOM   67  C  C   . ASP A 1 11 ? -4.878  18.611  -3.480  1.00 25.30 ? 10  ASP A C   1 
ATOM   68  O  O   . ASP A 1 11 ? -4.655  19.710  -2.986  1.00 24.84 ? 10  ASP A O   1 
ATOM   69  C  CB  . ASP A 1 11 ? -7.134  19.216  -4.366  1.00 24.88 ? 10  ASP A CB  1 
ATOM   70  C  CG  . ASP A 1 11 ? -7.932  18.718  -3.180  1.00 25.26 ? 10  ASP A CG  1 
ATOM   71  O  OD1 . ASP A 1 11 ? -7.678  17.650  -2.646  1.00 25.34 ? 10  ASP A OD1 1 
ATOM   72  O  OD2 . ASP A 1 11 ? -8.813  19.434  -2.755  1.00 25.36 ? 10  ASP A OD2 1 
ATOM   73  N  N   . GLY A 1 12 ? -4.363  17.511  -2.943  1.00 25.38 ? 11  GLY A N   1 
ATOM   74  C  CA  . GLY A 1 12 ? -3.450  17.529  -1.813  1.00 25.71 ? 11  GLY A CA  1 
ATOM   75  C  C   . GLY A 1 12 ? -4.155  17.441  -0.455  1.00 25.56 ? 11  GLY A C   1 
ATOM   76  O  O   . GLY A 1 12 ? -3.519  17.051  0.530   1.00 26.72 ? 11  GLY A O   1 
ATOM   77  N  N   . SER A 1 13 ? -5.453  17.730  -0.345  1.00 24.99 ? 12  SER A N   1 
ATOM   78  C  CA  . SER A 1 13 ? -6.142  17.817  0.918   1.00 24.36 ? 12  SER A CA  1 
ATOM   79  C  C   . SER A 1 13 ? -6.526  16.528  1.636   1.00 24.37 ? 12  SER A C   1 
ATOM   80  O  O   . SER A 1 13 ? -6.849  16.575  2.837   1.00 25.14 ? 12  SER A O   1 
ATOM   81  C  CB  . SER A 1 13 ? -7.384  18.648  0.693   1.00 24.29 ? 12  SER A CB  1 
ATOM   82  O  OG  . SER A 1 13 ? -8.423  17.864  0.075   1.00 25.03 ? 12  SER A OG  1 
ATOM   83  N  N   . CYS A 1 14 ? -6.510  15.369  0.966   1.00 23.66 ? 13  CYS A N   1 
ATOM   84  C  CA  . CYS A 1 14 ? -7.021  14.166  1.585   1.00 23.54 ? 13  CYS A CA  1 
ATOM   85  C  C   . CYS A 1 14 ? -6.224  13.674  2.772   1.00 23.36 ? 13  CYS A C   1 
ATOM   86  O  O   . CYS A 1 14 ? -4.986  13.719  2.770   1.00 23.47 ? 13  CYS A O   1 
ATOM   87  C  CB  . CYS A 1 14 ? -7.115  13.078  0.534   1.00 22.84 ? 13  CYS A CB  1 
ATOM   88  S  SG  . CYS A 1 14 ? -7.824  11.521  1.190   1.00 23.29 ? 13  CYS A SG  1 
ATOM   89  N  N   . SER A 1 15 ? -6.960  13.251  3.809   1.00 22.99 ? 14  SER A N   1 
ATOM   90  C  CA  . SER A 1 15 ? -6.398  12.734  5.021   1.00 22.07 ? 14  SER A CA  1 
ATOM   91  C  C   . SER A 1 15 ? -6.803  11.283  5.171   1.00 21.69 ? 14  SER A C   1 
ATOM   92  O  O   . SER A 1 15 ? -6.998  10.815  6.314   1.00 20.79 ? 14  SER A O   1 
ATOM   93  C  CB  . SER A 1 15 ? -6.870  13.574  6.217   1.00 21.51 ? 14  SER A CB  1 
ATOM   94  O  OG  . SER A 1 15 ? -6.206  14.856  6.276   1.00 21.36 ? 14  SER A OG  1 
ATOM   95  N  N   . CYS A 1 16 ? -6.931  10.508  4.082   1.00 21.37 ? 15  CYS A N   1 
ATOM   96  C  CA  . CYS A 1 16 ? -7.280  9.099   4.243   1.00 21.92 ? 15  CYS A CA  1 
ATOM   97  C  C   . CYS A 1 16 ? -6.332  8.338   5.175   1.00 21.98 ? 15  CYS A C   1 
ATOM   98  O  O   . CYS A 1 16 ? -6.875  7.503   5.889   1.00 22.66 ? 15  CYS A O   1 
ATOM   99  C  CB  . CYS A 1 16 ? -7.337  8.344   2.904   1.00 21.17 ? 15  CYS A CB  1 
ATOM   100 S  SG  . CYS A 1 16 ? -5.817  8.565   1.943   1.00 21.78 ? 15  CYS A SG  1 
ATOM   101 N  N   . ALA A 1 17 ? -5.025  8.638   5.238   1.00 22.13 ? 16  ALA A N   1 
ATOM   102 C  CA  . ALA A 1 17 ? -4.053  7.970   6.075   1.00 21.96 ? 16  ALA A CA  1 
ATOM   103 C  C   . ALA A 1 17 ? -4.305  6.495   6.306   1.00 22.74 ? 16  ALA A C   1 
ATOM   104 O  O   . ALA A 1 17 ? -4.636  6.008   7.396   1.00 22.78 ? 16  ALA A O   1 
ATOM   105 C  CB  . ALA A 1 17 ? -3.982  8.679   7.402   1.00 21.30 ? 16  ALA A CB  1 
ATOM   106 N  N   . GLY A 1 18 ? -4.265  5.761   5.196   1.00 23.13 ? 17  GLY A N   1 
ATOM   107 C  CA  . GLY A 1 18 ? -4.362  4.316   5.277   1.00 24.20 ? 17  GLY A CA  1 
ATOM   108 C  C   . GLY A 1 18 ? -5.732  3.736   5.523   1.00 25.20 ? 17  GLY A C   1 
ATOM   109 O  O   . GLY A 1 18 ? -5.802  2.503   5.685   1.00 26.34 ? 17  GLY A O   1 
ATOM   110 N  N   . SER A 1 19 ? -6.823  4.523   5.537   1.00 24.93 ? 18  SER A N   1 
ATOM   111 C  CA  . SER A 1 19 ? -8.124  3.924   5.699   1.00 24.65 ? 18  SER A CA  1 
ATOM   112 C  C   . SER A 1 19 ? -8.886  3.776   4.395   1.00 23.84 ? 18  SER A C   1 
ATOM   113 O  O   . SER A 1 19 ? -10.057 3.404   4.366   1.00 23.12 ? 18  SER A O   1 
ATOM   114 C  CB  . SER A 1 19 ? -8.932  4.749   6.697   1.00 26.23 ? 18  SER A CB  1 
ATOM   115 O  OG  . SER A 1 19 ? -8.874  6.181   6.571   1.00 27.79 ? 18  SER A OG  1 
ATOM   116 N  N   . CYS A 1 20 ? -8.212  3.993   3.275   1.00 22.83 ? 19  CYS A N   1 
ATOM   117 C  CA  . CYS A 1 20 ? -8.795  3.916   1.957   1.00 22.30 ? 19  CYS A CA  1 
ATOM   118 C  C   . CYS A 1 20 ? -8.706  2.485   1.461   1.00 22.39 ? 19  CYS A C   1 
ATOM   119 O  O   . CYS A 1 20 ? -8.067  1.608   2.048   1.00 22.63 ? 19  CYS A O   1 
ATOM   120 C  CB  . CYS A 1 20 ? -8.022  4.843   1.006   1.00 21.43 ? 19  CYS A CB  1 
ATOM   121 S  SG  . CYS A 1 20 ? -6.250  4.467   1.088   1.00 20.34 ? 19  CYS A SG  1 
ATOM   122 N  N   . LYS A 1 21 ? -9.319  2.287   0.320   1.00 23.14 ? 20  LYS A N   1 
ATOM   123 C  CA  . LYS A 1 21 ? -9.344  1.001   -0.264  1.00 23.48 ? 20  LYS A CA  1 
ATOM   124 C  C   . LYS A 1 21 ? -8.466  1.084   -1.496  1.00 23.76 ? 20  LYS A C   1 
ATOM   125 O  O   . LYS A 1 21 ? -8.409  0.143   -2.298  1.00 23.70 ? 20  LYS A O   1 
ATOM   126 C  CB  . LYS A 1 21 ? -10.810 0.644   -0.579  1.00 25.10 ? 20  LYS A CB  1 
ATOM   127 C  CG  . LYS A 1 21 ? -11.752 0.470   0.688   1.00 27.61 ? 20  LYS A CG  1 
ATOM   128 C  CD  . LYS A 1 21 ? -12.715 -0.650  0.341   1.00 29.06 ? 20  LYS A CD  1 
ATOM   129 C  CE  . LYS A 1 21 ? -13.847 -0.757  1.363   1.00 30.63 ? 20  LYS A CE  1 
ATOM   130 N  NZ  . LYS A 1 21 ? -14.557 -2.027  1.215   1.00 31.46 ? 20  LYS A NZ  1 
ATOM   131 N  N   . CYS A 1 22 ? -7.717  2.155   -1.715  1.00 23.45 ? 21  CYS A N   1 
ATOM   132 C  CA  . CYS A 1 22 ? -6.863  2.248   -2.882  1.00 23.21 ? 21  CYS A CA  1 
ATOM   133 C  C   . CYS A 1 22 ? -5.729  1.207   -2.928  1.00 23.41 ? 21  CYS A C   1 
ATOM   134 O  O   . CYS A 1 22 ? -5.040  0.952   -1.921  1.00 23.20 ? 21  CYS A O   1 
ATOM   135 C  CB  . CYS A 1 22 ? -6.313  3.648   -2.893  1.00 22.63 ? 21  CYS A CB  1 
ATOM   136 S  SG  . CYS A 1 22 ? -7.638  4.907   -2.890  1.00 22.51 ? 21  CYS A SG  1 
ATOM   137 N  N   . LYS A 1 23 ? -5.534  0.816   -4.193  1.00 23.94 ? 22  LYS A N   1 
ATOM   138 C  CA  . LYS A 1 23 ? -4.548  -0.139  -4.704  1.00 24.52 ? 22  LYS A CA  1 
ATOM   139 C  C   . LYS A 1 23 ? -3.208  0.579   -4.724  1.00 23.33 ? 22  LYS A C   1 
ATOM   140 O  O   . LYS A 1 23 ? -2.213  0.054   -4.285  1.00 23.21 ? 22  LYS A O   1 
ATOM   141 C  CB  . LYS A 1 23 ? -4.849  -0.528  -6.140  1.00 26.84 ? 22  LYS A CB  1 
ATOM   142 C  CG  . LYS A 1 23 ? -6.185  -1.162  -6.466  1.00 29.58 ? 22  LYS A CG  1 
ATOM   143 C  CD  . LYS A 1 23 ? -7.453  -0.461  -5.938  1.00 31.08 ? 22  LYS A CD  1 
ATOM   144 C  CE  . LYS A 1 23 ? -7.870  0.888   -6.542  1.00 31.78 ? 22  LYS A CE  1 
ATOM   145 N  NZ  . LYS A 1 23 ? -9.109  1.377   -5.968  1.00 33.43 ? 22  LYS A NZ  1 
ATOM   146 N  N   . GLN A 1 24 ? -3.173  1.827   -5.221  1.00 22.62 ? 23  GLN A N   1 
ATOM   147 C  CA  . GLN A 1 24 ? -1.951  2.606   -5.279  1.00 21.46 ? 23  GLN A CA  1 
ATOM   148 C  C   . GLN A 1 24 ? -2.335  4.079   -5.058  1.00 21.25 ? 23  GLN A C   1 
ATOM   149 O  O   . GLN A 1 24 ? -2.405  4.934   -5.970  1.00 21.24 ? 23  GLN A O   1 
ATOM   150 C  CB  . GLN A 1 24 ? -1.308  2.324   -6.650  1.00 21.49 ? 23  GLN A CB  1 
ATOM   151 C  CG  . GLN A 1 24 ? 0.005   2.971   -7.065  1.00 21.89 ? 23  GLN A CG  1 
ATOM   152 C  CD  . GLN A 1 24 ? 1.154   2.483   -6.184  1.00 22.58 ? 23  GLN A CD  1 
ATOM   153 O  OE1 . GLN A 1 24 ? 1.396   1.283   -6.035  1.00 22.20 ? 23  GLN A OE1 1 
ATOM   154 N  NE2 . GLN A 1 24 ? 1.867   3.367   -5.507  1.00 22.12 ? 23  GLN A NE2 1 
ATOM   155 N  N   . CYS A 1 25 ? -2.627  4.352   -3.778  1.00 20.67 ? 24  CYS A N   1 
ATOM   156 C  CA  . CYS A 1 25 ? -3.029  5.661   -3.304  1.00 19.64 ? 24  CYS A CA  1 
ATOM   157 C  C   . CYS A 1 25 ? -2.008  6.755   -3.561  1.00 19.11 ? 24  CYS A C   1 
ATOM   158 O  O   . CYS A 1 25 ? -0.838  6.621   -3.196  1.00 18.55 ? 24  CYS A O   1 
ATOM   159 C  CB  . CYS A 1 25 ? -3.281  5.577   -1.832  1.00 19.95 ? 24  CYS A CB  1 
ATOM   160 S  SG  . CYS A 1 25 ? -4.244  6.974   -1.180  1.00 20.89 ? 24  CYS A SG  1 
ATOM   161 N  N   . LYS A 1 26 ? -2.498  7.863   -4.105  1.00 18.17 ? 25  LYS A N   1 
ATOM   162 C  CA  . LYS A 1 26 ? -1.621  8.943   -4.407  1.00 18.04 ? 25  LYS A CA  1 
ATOM   163 C  C   . LYS A 1 26 ? -1.529  9.970   -3.291  1.00 18.22 ? 25  LYS A C   1 
ATOM   164 O  O   . LYS A 1 26 ? -0.726  10.891  -3.427  1.00 17.59 ? 25  LYS A O   1 
ATOM   165 C  CB  . LYS A 1 26 ? -2.069  9.594   -5.716  1.00 18.18 ? 25  LYS A CB  1 
ATOM   166 C  CG  . LYS A 1 26 ? -2.204  8.658   -6.924  1.00 19.05 ? 25  LYS A CG  1 
ATOM   167 C  CD  . LYS A 1 26 ? -0.924  7.851   -7.273  1.00 19.44 ? 25  LYS A CD  1 
ATOM   168 C  CE  . LYS A 1 26 ? -1.084  6.994   -8.549  1.00 19.08 ? 25  LYS A CE  1 
ATOM   169 N  NZ  . LYS A 1 26 ? -2.181  6.057   -8.481  1.00 19.32 ? 25  LYS A NZ  1 
ATOM   170 N  N   . CYS A 1 27 ? -2.233  9.871   -2.134  1.00 19.45 ? 26  CYS A N   1 
ATOM   171 C  CA  . CYS A 1 27 ? -2.136  10.804  -0.990  1.00 20.36 ? 26  CYS A CA  1 
ATOM   172 C  C   . CYS A 1 27 ? -0.898  10.728  -0.100  1.00 20.25 ? 26  CYS A C   1 
ATOM   173 O  O   . CYS A 1 27 ? -0.499  9.673   0.412   1.00 20.21 ? 26  CYS A O   1 
ATOM   174 C  CB  . CYS A 1 27 ? -3.332  10.627  -0.098  1.00 20.80 ? 26  CYS A CB  1 
ATOM   175 S  SG  . CYS A 1 27 ? -4.849  10.945  -1.059  1.00 22.98 ? 26  CYS A SG  1 
ATOM   176 N  N   . THR A 1 28 ? -0.307  11.883  0.179   1.00 20.63 ? 27  THR A N   1 
ATOM   177 C  CA  . THR A 1 28 ? 0.929   11.921  0.944   1.00 20.99 ? 27  THR A CA  1 
ATOM   178 C  C   . THR A 1 28 ? 0.679   11.555  2.418   1.00 21.15 ? 27  THR A C   1 
ATOM   179 O  O   . THR A 1 28 ? 1.632   11.304  3.166   1.00 21.50 ? 27  THR A O   1 
ATOM   180 C  CB  . THR A 1 28 ? 1.555   13.325  0.824   1.00 21.07 ? 27  THR A CB  1 
ATOM   181 O  OG1 . THR A 1 28 ? 0.672   14.302  1.370   1.00 21.14 ? 27  THR A OG1 1 
ATOM   182 C  CG2 . THR A 1 28 ? 1.811   13.651  -0.609  1.00 20.40 ? 27  THR A CG2 1 
ATOM   183 N  N   . SER A 1 29 ? -0.582  11.501  2.854   1.00 20.91 ? 28  SER A N   1 
ATOM   184 C  CA  . SER A 1 29 ? -0.992  11.074  4.180   1.00 0.00  ? 28  SER A CA  1 
ATOM   185 C  C   . SER A 1 29 ? -1.004  9.555   4.344   1.00 20.27 ? 28  SER A C   1 
ATOM   186 O  O   . SER A 1 29 ? -1.120  9.077   5.472   1.00 20.93 ? 28  SER A O   1 
ATOM   187 C  CB  . SER A 1 29 ? -2.389  11.639  4.454   1.00 20.78 ? 28  SER A CB  1 
ATOM   188 O  OG  . SER A 1 29 ? -3.298  11.097  3.498   1.00 21.56 ? 28  SER A OG  1 
ATOM   189 N  N   . CYS A 1 30 ? -0.858  8.820   3.240   1.00 20.48 ? 29  CYS A N   1 
ATOM   190 C  CA  . CYS A 1 30 ? -1.098  7.410   3.267   1.00 21.02 ? 29  CYS A CA  1 
ATOM   191 C  C   . CYS A 1 30 ? 0.138   6.559   2.970   1.00 21.55 ? 29  CYS A C   1 
ATOM   192 O  O   . CYS A 1 30 ? 0.749   6.612   1.880   1.00 22.47 ? 29  CYS A O   1 
ATOM   193 C  CB  . CYS A 1 30 ? -2.186  7.210   2.283   1.00 20.48 ? 29  CYS A CB  1 
ATOM   194 S  SG  . CYS A 1 30 ? -3.159  5.717   2.386   1.00 19.19 ? 29  CYS A SG  1 
ATOM   195 N  N   . LYS A 1 31 ? 0.357   5.702   3.974   1.00 21.97 ? 30  LYS A N   1 
ATOM   196 C  CA  . LYS A 1 31 ? 1.488   4.803   4.044   1.00 22.30 ? 30  LYS A CA  1 
ATOM   197 C  C   . LYS A 1 31 ? 0.999   3.354   4.183   1.00 21.69 ? 30  LYS A C   1 
ATOM   198 O  O   . LYS A 1 31 ? 1.348   2.711   5.174   1.00 21.86 ? 30  LYS A O   1 
ATOM   199 C  CB  . LYS A 1 31 ? 2.309   5.255   5.232   1.00 22.96 ? 30  LYS A CB  1 
ATOM   200 C  CG  . LYS A 1 31 ? 3.730   5.133   4.827   1.00 24.90 ? 30  LYS A CG  1 
ATOM   201 C  CD  . LYS A 1 31 ? 4.683   5.721   5.836   1.00 25.88 ? 30  LYS A CD  1 
ATOM   202 C  CE  . LYS A 1 31 ? 6.050   5.020   5.756   1.00 26.16 ? 30  LYS A CE  1 
ATOM   203 N  NZ  . LYS A 1 31 ? 7.079   5.971   6.139   1.00 27.61 ? 30  LYS A NZ  1 
ATOM   204 N  N   . LYS A 1 32 ? 0.221   2.777   3.249   1.00 20.70 ? 31  LYS A N   1 
ATOM   205 C  CA  . LYS A 1 32 ? -0.214  1.401   3.361   1.00 20.16 ? 31  LYS A CA  1 
ATOM   206 C  C   . LYS A 1 32 ? 0.864   0.523   2.749   1.00 20.35 ? 31  LYS A C   1 
ATOM   207 O  O   . LYS A 1 32 ? 1.665   0.978   1.917   1.00 19.44 ? 31  LYS A O   1 
ATOM   208 C  CB  . LYS A 1 32 ? -1.491  1.142   2.613   1.00 20.46 ? 31  LYS A CB  1 
ATOM   209 C  CG  . LYS A 1 32 ? -2.642  2.094   2.961   1.00 19.48 ? 31  LYS A CG  1 
ATOM   210 C  CD  . LYS A 1 32 ? -3.996  1.574   2.578   1.00 19.54 ? 31  LYS A CD  1 
ATOM   211 C  CE  . LYS A 1 32 ? -4.074  1.424   1.090   1.00 18.90 ? 31  LYS A CE  1 
ATOM   212 N  NZ  . LYS A 1 32 ? -5.415  1.042   0.754   1.00 19.74 ? 31  LYS A NZ  1 
ATOM   213 N  N   . SER A 1 33 ? 0.916   -0.735  3.179   1.00 20.11 ? 32  SER A N   1 
ATOM   214 C  CA  . SER A 1 33 ? 1.918   -1.678  2.678   1.00 19.77 ? 32  SER A CA  1 
ATOM   215 C  C   . SER A 1 33 ? 1.759   -2.080  1.219   1.00 19.40 ? 32  SER A C   1 
ATOM   216 O  O   . SER A 1 33 ? 0.667   -1.996  0.655   1.00 19.00 ? 32  SER A O   1 
ATOM   217 C  CB  . SER A 1 33 ? 1.881   -2.913  3.565   1.00 18.96 ? 32  SER A CB  1 
ATOM   218 O  OG  . SER A 1 33 ? 2.799   -3.902  3.168   1.00 19.34 ? 32  SER A OG  1 
ATOM   219 N  N   . CYS A 1 34 ? 2.821   -2.584  0.589   1.00 19.57 ? 33  CYS A N   1 
ATOM   220 C  CA  . CYS A 1 34 ? 2.722   -3.064  -0.766  1.00 20.01 ? 33  CYS A CA  1 
ATOM   221 C  C   . CYS A 1 34 ? 1.999   -4.428  -0.750  1.00 20.14 ? 33  CYS A C   1 
ATOM   222 O  O   . CYS A 1 34 ? 1.632   -4.940  -1.822  1.00 20.58 ? 33  CYS A O   1 
ATOM   223 C  CB  . CYS A 1 34 ? 4.150   -3.176  -1.413  1.00 18.89 ? 33  CYS A CB  1 
ATOM   224 S  SG  . CYS A 1 34 ? 5.436   -3.904  -0.354  1.00 18.62 ? 33  CYS A SG  1 
ATOM   225 N  N   . CYS A 1 35 ? 1.731   -5.069  0.401   1.00 20.39 ? 34  CYS A N   1 
ATOM   226 C  CA  . CYS A 1 35 ? 1.081   -6.362  0.339   1.00 21.82 ? 34  CYS A CA  1 
ATOM   227 C  C   . CYS A 1 35 ? 0.371   -6.591  1.633   1.00 22.60 ? 34  CYS A C   1 
ATOM   228 O  O   . CYS A 1 35 ? 0.623   -6.040  2.685   1.00 21.94 ? 34  CYS A O   1 
ATOM   229 C  CB  . CYS A 1 35 ? 2.109   -7.501  0.081   1.00 0.00  ? 34  CYS A CB  1 
ATOM   230 S  SG  . CYS A 1 35 ? 3.636   -7.438  1.076   1.00 22.64 ? 34  CYS A SG  1 
ATOM   231 N  N   . SER A 1 36 ? -0.462  -7.565  1.550   1.00 24.22 ? 35  SER A N   1 
ATOM   232 C  CA  . SER A 1 36 ? -1.259  -7.934  2.689   1.00 25.96 ? 35  SER A CA  1 
ATOM   233 C  C   . SER A 1 36 ? -0.520  -8.810  3.647   1.00 26.22 ? 35  SER A C   1 
ATOM   234 O  O   . SER A 1 36 ? -0.957  -8.933  4.784   1.00 27.45 ? 35  SER A O   1 
ATOM   235 C  CB  . SER A 1 36 ? -2.515  -8.684  2.252   1.00 26.80 ? 35  SER A CB  1 
ATOM   236 O  OG  . SER A 1 36 ? -2.268  -9.391  1.029   1.00 28.24 ? 35  SER A OG  1 
ATOM   237 N  N   . CYS A 1 37 ? 0.576   -9.450  3.245   1.00 26.43 ? 36  CYS A N   1 
ATOM   238 C  CA  . CYS A 1 37 ? 1.321   -10.314 4.137   1.00 26.06 ? 36  CYS A CA  1 
ATOM   239 C  C   . CYS A 1 37 ? 2.440   -9.641  4.875   1.00 25.49 ? 36  CYS A C   1 
ATOM   240 O  O   . CYS A 1 37 ? 3.025   -10.268 5.773   1.00 26.40 ? 36  CYS A O   1 
ATOM   241 C  CB  . CYS A 1 37 ? 1.844   -11.465 3.304   1.00 26.48 ? 36  CYS A CB  1 
ATOM   242 S  SG  . CYS A 1 37 ? 2.184   -10.864 1.647   1.00 27.43 ? 36  CYS A SG  1 
ATOM   243 N  N   . CYS A 1 38 ? 2.782   -8.398  4.554   1.00 24.32 ? 37  CYS A N   1 
ATOM   244 C  CA  . CYS A 1 38 ? 3.864   -7.747  5.257   1.00 23.36 ? 37  CYS A CA  1 
ATOM   245 C  C   . CYS A 1 38 ? 3.411   -6.405  5.841   1.00 22.18 ? 37  CYS A C   1 
ATOM   246 O  O   . CYS A 1 38 ? 2.540   -5.741  5.260   1.00 21.55 ? 37  CYS A O   1 
ATOM   247 C  CB  . CYS A 1 38 ? 5.009   -7.530  4.291   1.00 23.57 ? 37  CYS A CB  1 
ATOM   248 S  SG  . CYS A 1 38 ? 5.777   -9.048  3.669   1.00 23.65 ? 37  CYS A SG  1 
ATOM   249 N  N   . PRO A 1 39 ? 3.951   -5.924  6.973   1.00 21.91 ? 38  PRO A N   1 
ATOM   250 C  CA  . PRO A 1 39 ? 3.837   -4.533  7.365   1.00 21.14 ? 38  PRO A CA  1 
ATOM   251 C  C   . PRO A 1 39 ? 4.488   -3.643  6.350   1.00 21.04 ? 38  PRO A C   1 
ATOM   252 O  O   . PRO A 1 39 ? 5.406   -4.082  5.648   1.00 20.53 ? 38  PRO A O   1 
ATOM   253 C  CB  . PRO A 1 39 ? 4.505   -4.457  8.698   1.00 21.56 ? 38  PRO A CB  1 
ATOM   254 C  CG  . PRO A 1 39 ? 5.331   -5.703  8.853   1.00 21.33 ? 38  PRO A CG  1 
ATOM   255 C  CD  . PRO A 1 39 ? 4.448   -6.694  8.112   1.00 22.25 ? 38  PRO A CD  1 
ATOM   256 N  N   . VAL A 1 40 ? 4.053   -2.381  6.330   1.00 20.47 ? 39  VAL A N   1 
ATOM   257 C  CA  . VAL A 1 40 ? 4.645   -1.357  5.466   1.00 19.95 ? 39  VAL A CA  1 
ATOM   258 C  C   . VAL A 1 40 ? 6.160   -1.237  5.723   1.00 20.16 ? 39  VAL A C   1 
ATOM   259 O  O   . VAL A 1 40 ? 6.878   -0.979  4.764   1.00 20.55 ? 39  VAL A O   1 
ATOM   260 C  CB  . VAL A 1 40 ? 3.945   0.033   5.664   1.00 19.39 ? 39  VAL A CB  1 
ATOM   261 C  CG1 . VAL A 1 40 ? 4.302   0.711   6.981   1.00 18.14 ? 39  VAL A CG1 1 
ATOM   262 C  CG2 . VAL A 1 40 ? 4.244   0.808   4.417   1.00 18.85 ? 39  VAL A CG2 1 
ATOM   263 N  N   . GLY A 1 41 ? 6.710   -1.466  6.923   1.00 19.60 ? 40  GLY A N   1 
ATOM   264 C  CA  . GLY A 1 41 ? 8.131   -1.383  7.153   1.00 19.88 ? 40  GLY A CA  1 
ATOM   265 C  C   . GLY A 1 41 ? 8.989   -2.561  6.659   1.00 20.53 ? 40  GLY A C   1 
ATOM   266 O  O   . GLY A 1 41 ? 10.216  -2.399  6.759   1.00 21.86 ? 40  GLY A O   1 
ATOM   267 N  N   . CYS A 1 42 ? 8.483   -3.683  6.125   1.00 20.68 ? 41  CYS A N   1 
ATOM   268 C  CA  . CYS A 1 42 ? 9.268   -4.869  5.764   1.00 20.53 ? 41  CYS A CA  1 
ATOM   269 C  C   . CYS A 1 42 ? 10.586  -4.627  5.017   1.00 19.98 ? 41  CYS A C   1 
ATOM   270 O  O   . CYS A 1 42 ? 10.596  -4.009  3.944   1.00 19.75 ? 41  CYS A O   1 
ATOM   271 C  CB  . CYS A 1 42 ? 8.351   -5.753  4.968   1.00 20.61 ? 41  CYS A CB  1 
ATOM   272 S  SG  . CYS A 1 42 ? 9.090   -7.280  4.414   1.00 21.45 ? 41  CYS A SG  1 
ATOM   273 N  N   . ALA A 1 43 ? 11.742  -5.078  5.524   1.00 18.92 ? 42  ALA A N   1 
ATOM   274 C  CA  . ALA A 1 43 ? 13.011  -4.808  4.869   1.00 19.74 ? 42  ALA A CA  1 
ATOM   275 C  C   . ALA A 1 43 ? 13.179  -5.406  3.476   1.00 20.00 ? 42  ALA A C   1 
ATOM   276 O  O   . ALA A 1 43 ? 13.629  -4.730  2.523   1.00 19.64 ? 42  ALA A O   1 
ATOM   277 C  CB  . ALA A 1 43 ? 14.133  -5.318  5.708   1.00 19.83 ? 42  ALA A CB  1 
ATOM   278 N  N   . LYS A 1 44 ? 12.814  -6.666  3.305   1.00 19.81 ? 43  LYS A N   1 
ATOM   279 C  CA  . LYS A 1 44 ? 12.977  -7.307  2.012   1.00 19.80 ? 43  LYS A CA  1 
ATOM   280 C  C   . LYS A 1 44 ? 12.147  -6.671  0.922   1.00 19.68 ? 43  LYS A C   1 
ATOM   281 O  O   . LYS A 1 44 ? 12.660  -6.600  -0.192  1.00 20.73 ? 43  LYS A O   1 
ATOM   282 C  CB  . LYS A 1 44 ? 12.634  -8.786  2.140   1.00 19.96 ? 43  LYS A CB  1 
ATOM   283 C  CG  . LYS A 1 44 ? 13.665  -9.613  2.899   1.00 20.76 ? 43  LYS A CG  1 
ATOM   284 C  CD  . LYS A 1 44 ? 13.490  -11.126 2.899   1.00 21.04 ? 43  LYS A CD  1 
ATOM   285 C  CE  . LYS A 1 44 ? 13.798  -11.893 1.577   1.00 20.52 ? 43  LYS A CE  1 
ATOM   286 N  NZ  . LYS A 1 44 ? 13.792  -13.324 1.933   1.00 21.16 ? 43  LYS A NZ  1 
ATOM   287 N  N   . CYS A 1 45 ? 10.957  -6.124  1.231   1.00 19.28 ? 44  CYS A N   1 
ATOM   288 C  CA  . CYS A 1 45 ? 10.133  -5.439  0.254   1.00 17.95 ? 44  CYS A CA  1 
ATOM   289 C  C   . CYS A 1 45 ? 10.456  -3.947  0.060   1.00 17.66 ? 44  CYS A C   1 
ATOM   290 O  O   . CYS A 1 45 ? 9.885   -3.348  -0.835  1.00 17.87 ? 44  CYS A O   1 
ATOM   291 C  CB  . CYS A 1 45 ? 8.719   -5.559  0.648   1.00 18.49 ? 44  CYS A CB  1 
ATOM   292 S  SG  . CYS A 1 45 ? 7.825   -7.082  0.312   1.00 19.50 ? 44  CYS A SG  1 
ATOM   293 N  N   . SER A 1 46 ? 11.343  -3.253  0.752   1.00 17.03 ? 45  SER A N   1 
ATOM   294 C  CA  . SER A 1 46 ? 11.582  -1.848  0.503   1.00 17.28 ? 45  SER A CA  1 
ATOM   295 C  C   . SER A 1 46 ? 12.082  -1.431  -0.875  1.00 17.53 ? 45  SER A C   1 
ATOM   296 O  O   . SER A 1 46 ? 11.917  -0.292  -1.255  1.00 17.94 ? 45  SER A O   1 
ATOM   297 C  CB  . SER A 1 46 ? 12.548  -1.342  1.575   1.00 18.04 ? 45  SER A CB  1 
ATOM   298 O  OG  . SER A 1 46 ? 13.805  -2.019  1.590   1.00 18.96 ? 45  SER A OG  1 
ATOM   299 N  N   . GLN A 1 47 ? 12.743  -2.243  -1.684  1.00 17.15 ? 46  GLN A N   1 
ATOM   300 C  CA  . GLN A 1 47 ? 13.174  -1.745  -2.972  1.00 17.20 ? 46  GLN A CA  1 
ATOM   301 C  C   . GLN A 1 47 ? 12.141  -2.126  -3.995  1.00 0.00  ? 46  GLN A C   1 
ATOM   302 O  O   . GLN A 1 47 ? 12.292  -1.756  -5.157  1.00 17.44 ? 46  GLN A O   1 
ATOM   303 C  CB  . GLN A 1 47 ? 14.505  -2.335  -3.375  1.00 17.42 ? 46  GLN A CB  1 
ATOM   304 C  CG  . GLN A 1 47 ? 15.664  -1.849  -2.506  1.00 18.79 ? 46  GLN A CG  1 
ATOM   305 C  CD  . GLN A 1 47 ? 16.932  -2.580  -2.926  1.00 18.96 ? 46  GLN A CD  1 
ATOM   306 O  OE1 . GLN A 1 47 ? 17.218  -3.685  -2.437  1.00 19.45 ? 46  GLN A OE1 1 
ATOM   307 N  NE2 . GLN A 1 47 ? 17.751  -2.021  -3.796  1.00 18.47 ? 46  GLN A NE2 1 
ATOM   308 N  N   . GLY A 1 48 ? 11.157  -2.921  -3.572  1.00 16.02 ? 47  GLY A N   1 
ATOM   309 C  CA  . GLY A 1 48 ? 10.136  -3.361  -4.459  1.00 16.11 ? 47  GLY A CA  1 
ATOM   310 C  C   . GLY A 1 48 ? 9.496   -4.563  -3.788  1.00 17.69 ? 47  GLY A C   1 
ATOM   311 O  O   . GLY A 1 48 ? 10.225  -5.337  -3.159  1.00 18.35 ? 47  GLY A O   1 
ATOM   312 N  N   . CYS A 1 49 ? 8.180   -4.726  -3.829  1.00 17.81 ? 48  CYS A N   1 
ATOM   313 C  CA  . CYS A 1 49 ? 7.501   -5.874  -3.299  1.00 0.00  ? 48  CYS A CA  1 
ATOM   314 C  C   . CYS A 1 49 ? 8.007   -7.115  -3.988  1.00 19.48 ? 48  CYS A C   1 
ATOM   315 O  O   . CYS A 1 49 ? 8.113   -7.169  -5.223  1.00 19.41 ? 48  CYS A O   1 
ATOM   316 C  CB  . CYS A 1 49 ? 6.029   -5.734  -3.562  1.00 18.33 ? 48  CYS A CB  1 
ATOM   317 S  SG  . CYS A 1 49 ? 4.975   -6.937  -2.739  1.00 18.77 ? 48  CYS A SG  1 
ATOM   318 N  N   . ILE A 1 50 ? 8.374   -8.084  -3.169  1.00 20.49 ? 49  ILE A N   1 
ATOM   319 C  CA  . ILE A 1 50 ? 8.711   -9.387  -3.708  1.00 21.18 ? 49  ILE A CA  1 
ATOM   320 C  C   . ILE A 1 50 ? 7.576   -10.399 -3.490  1.00 22.19 ? 49  ILE A C   1 
ATOM   321 O  O   . ILE A 1 50 ? 7.733   -11.489 -4.024  1.00 23.27 ? 49  ILE A O   1 
ATOM   322 C  CB  . ILE A 1 50 ? 10.023  -10.006 -3.054  1.00 20.64 ? 49  ILE A CB  1 
ATOM   323 C  CG1 . ILE A 1 50 ? 9.869   -10.186 -1.526  1.00 20.43 ? 49  ILE A CG1 1 
ATOM   324 C  CG2 . ILE A 1 50 ? 11.195  -9.154  -3.461  1.00 20.51 ? 49  ILE A CG2 1 
ATOM   325 C  CD1 . ILE A 1 50 ? 11.097  -10.762 -0.825  1.00 20.56 ? 49  ILE A CD1 1 
ATOM   326 N  N   . CYS A 1 51 ? 6.460   -10.207 -2.795  1.00 23.58 ? 50  CYS A N   1 
ATOM   327 C  CA  . CYS A 1 51 ? 5.540   -11.272 -2.541  1.00 25.42 ? 50  CYS A CA  1 
ATOM   328 C  C   . CYS A 1 51 ? 4.585   -11.594 -3.669  1.00 27.58 ? 50  CYS A C   1 
ATOM   329 O  O   . CYS A 1 51 ? 4.434   -10.869 -4.658  1.00 27.83 ? 50  CYS A O   1 
ATOM   330 C  CB  . CYS A 1 51 ? 4.755   -10.947 -1.323  1.00 25.09 ? 50  CYS A CB  1 
ATOM   331 S  SG  . CYS A 1 51 ? 5.910   -10.291 -0.124  1.00 24.97 ? 50  CYS A SG  1 
ATOM   332 N  N   . LYS A 1 52 ? 4.000   -12.793 -3.582  1.00 30.89 ? 51  LYS A N   1 
ATOM   333 C  CA  . LYS A 1 52 ? 2.938   -13.197 -4.505  1.00 33.81 ? 51  LYS A CA  1 
ATOM   334 C  C   . LYS A 1 52 ? 1.639   -12.597 -3.978  1.00 35.76 ? 51  LYS A C   1 
ATOM   335 O  O   . LYS A 1 52 ? 1.315   -12.818 -2.805  1.00 36.38 ? 51  LYS A O   1 
ATOM   336 C  CB  . LYS A 1 52 ? 2.772   -14.713 -4.515  1.00 33.98 ? 51  LYS A CB  1 
ATOM   337 N  N   . GLU A 1 53 ? 0.847   -11.901 -4.781  1.00 37.33 ? 52  GLU A N   1 
ATOM   338 C  CA  . GLU A 1 53 ? -0.399  -11.263 -4.319  1.00 39.47 ? 52  GLU A CA  1 
ATOM   339 C  C   . GLU A 1 53 ? -1.566  -12.197 -3.929  1.00 39.71 ? 52  GLU A C   1 
ATOM   340 O  O   . GLU A 1 53 ? -2.731  -11.967 -4.253  1.00 39.06 ? 52  GLU A O   1 
ATOM   341 C  CB  . GLU A 1 53 ? -0.858  -10.257 -5.412  1.00 40.45 ? 52  GLU A CB  1 
ATOM   342 C  CG  . GLU A 1 53 ? -1.545  -10.721 -6.717  1.00 42.48 ? 52  GLU A CG  1 
ATOM   343 C  CD  . GLU A 1 53 ? -1.745  -9.556  -7.679  1.00 43.94 ? 52  GLU A CD  1 
ATOM   344 O  OE1 . GLU A 1 53 ? -2.194  -8.476  -7.246  1.00 44.58 ? 52  GLU A OE1 1 
ATOM   345 O  OE2 . GLU A 1 53 ? -1.342  -9.697  -8.847  1.00 45.08 ? 52  GLU A OE2 1 
ATOM   346 N  N   . ALA A 1 54 ? -1.322  -13.290 -3.202  1.00 40.52 ? 53  ALA A N   1 
ATOM   347 C  CA  . ALA A 1 54 ? -2.428  -14.143 -2.814  1.00 41.03 ? 53  ALA A CA  1 
ATOM   348 C  C   . ALA A 1 54 ? -3.224  -13.401 -1.736  1.00 41.55 ? 53  ALA A C   1 
ATOM   349 O  O   . ALA A 1 54 ? -4.444  -13.370 -1.848  1.00 41.76 ? 53  ALA A O   1 
ATOM   350 C  CB  . ALA A 1 54 ? -1.926  -15.475 -2.254  1.00 40.52 ? 53  ALA A CB  1 
ATOM   351 N  N   . SER A 1 55 ? -2.566  -12.703 -0.804  1.00 41.96 ? 54  SER A N   1 
ATOM   352 C  CA  . SER A 1 55 ? -3.077  -12.031 0.383   1.00 42.74 ? 54  SER A CA  1 
ATOM   353 C  C   . SER A 1 55 ? -2.577  -12.887 1.555   1.00 42.51 ? 54  SER A C   1 
ATOM   354 O  O   . SER A 1 55 ? -1.376  -13.178 1.605   1.00 41.75 ? 54  SER A O   1 
ATOM   355 C  CB  . SER A 1 55 ? -4.633  -11.923 0.461   1.00 43.26 ? 54  SER A CB  1 
ATOM   356 O  OG  . SER A 1 55 ? -4.936  -11.106 1.594   1.00 43.82 ? 54  SER A OG  1 
ATOM   357 N  N   . ASP A 1 56 ? -3.381  -13.340 2.528   1.00 42.82 ? 55  ASP A N   1 
ATOM   358 C  CA  . ASP A 1 56 ? -2.966  -14.275 3.567   1.00 42.57 ? 55  ASP A CA  1 
ATOM   359 C  C   . ASP A 1 56 ? -1.661  -14.033 4.309   1.00 41.45 ? 55  ASP A C   1 
ATOM   360 O  O   . ASP A 1 56 ? -1.666  -13.241 5.252   1.00 41.05 ? 55  ASP A O   1 
ATOM   361 C  CB  . ASP A 1 56 ? -2.945  -15.735 2.988   1.00 43.06 ? 55  ASP A CB  1 
ATOM   362 C  CG  . ASP A 1 56 ? -4.247  -16.126 2.285   1.00 43.90 ? 55  ASP A CG  1 
ATOM   363 O  OD1 . ASP A 1 56 ? -5.319  -16.054 2.897   1.00 44.51 ? 55  ASP A OD1 1 
ATOM   364 O  OD2 . ASP A 1 56 ? -4.211  -16.459 1.100   1.00 43.79 ? 55  ASP A OD2 1 
ATOM   365 N  N   . LYS A 1 57 ? -0.522  -14.613 3.917   1.00 40.20 ? 56  LYS A N   1 
ATOM   366 C  CA  . LYS A 1 57 ? 0.653   -14.646 4.786   1.00 38.81 ? 56  LYS A CA  1 
ATOM   367 C  C   . LYS A 1 57 ? 1.792   -15.184 3.904   1.00 37.15 ? 56  LYS A C   1 
ATOM   368 O  O   . LYS A 1 57 ? 1.502   -16.098 3.113   1.00 37.53 ? 56  LYS A O   1 
ATOM   369 C  CB  . LYS A 1 57 ? 0.352   -15.584 5.948   1.00 39.74 ? 56  LYS A CB  1 
ATOM   370 C  CG  . LYS A 1 57 ? 1.129   -15.456 7.228   1.00 40.84 ? 56  LYS A CG  1 
ATOM   371 C  CD  . LYS A 1 57 ? 0.626   -16.522 8.195   1.00 41.71 ? 56  LYS A CD  1 
ATOM   372 C  CE  . LYS A 1 57 ? 1.517   -16.518 9.443   1.00 42.11 ? 56  LYS A CE  1 
ATOM   373 N  NZ  . LYS A 1 57 ? 2.134   -17.825 9.653   1.00 42.65 ? 56  LYS A NZ  1 
ATOM   374 N  N   . CYS A 1 58 ? 3.067   -14.762 4.020   1.00 34.62 ? 57  CYS A N   1 
ATOM   375 C  CA  . CYS A 1 58 ? 4.037   -15.102 2.992   1.00 31.57 ? 57  CYS A CA  1 
ATOM   376 C  C   . CYS A 1 58 ? 5.183   -15.904 3.524   1.00 31.00 ? 57  CYS A C   1 
ATOM   377 O  O   . CYS A 1 58 ? 5.570   -15.668 4.687   1.00 30.42 ? 57  CYS A O   1 
ATOM   378 C  CB  . CYS A 1 58 ? 4.601   -13.823 2.351   1.00 30.22 ? 57  CYS A CB  1 
ATOM   379 S  SG  . CYS A 1 58 ? 6.044   -13.072 3.175   1.00 28.01 ? 57  CYS A SG  1 
ATOM   380 N  N   . SER A 1 59 ? 5.704   -16.735 2.612   1.00 30.67 ? 58  SER A N   1 
ATOM   381 C  CA  . SER A 1 59 ? 6.892   -17.526 2.846   1.00 30.09 ? 58  SER A CA  1 
ATOM   382 C  C   . SER A 1 59 ? 8.183   -16.755 2.521   1.00 29.55 ? 58  SER A C   1 
ATOM   383 O  O   . SER A 1 59 ? 9.178   -17.040 3.180   1.00 29.78 ? 58  SER A O   1 
ATOM   384 C  CB  . SER A 1 59 ? 6.812   -18.816 2.026   1.00 30.12 ? 58  SER A CB  1 
ATOM   385 O  OG  . SER A 1 59 ? 6.690   -18.740 0.600   1.00 30.77 ? 58  SER A OG  1 
ATOM   386 N  N   . CYS A 1 60 ? 8.230   -15.717 1.663   1.00 28.57 ? 59  CYS A N   1 
ATOM   387 C  CA  . CYS A 1 60 ? 9.474   -15.046 1.390   1.00 27.22 ? 59  CYS A CA  1 
ATOM   388 C  C   . CYS A 1 60 ? 9.978   -14.050 2.424   1.00 27.15 ? 59  CYS A C   1 
ATOM   389 O  O   . CYS A 1 60 ? 11.193  -13.788 2.409   1.00 27.18 ? 59  CYS A O   1 
ATOM   390 C  CB  . CYS A 1 60 ? 9.378   -14.379 0.003   1.00 26.60 ? 59  CYS A CB  1 
ATOM   391 S  SG  . CYS A 1 60 ? 7.798   -13.672 -0.531  1.00 26.24 ? 59  CYS A SG  1 
ATOM   392 N  N   . CYS A 1 61 ? 9.155   -13.545 3.346   1.00 27.10 ? 60  CYS A N   1 
ATOM   393 C  CA  . CYS A 1 61 ? 9.662   -12.589 4.306   1.00 27.60 ? 60  CYS A CA  1 
ATOM   394 C  C   . CYS A 1 61 ? 9.470   -13.060 5.723   1.00 29.00 ? 60  CYS A C   1 
ATOM   395 O  O   . CYS A 1 61 ? 8.371   -13.592 6.024   1.00 29.81 ? 60  CYS A O   1 
ATOM   396 C  CB  . CYS A 1 61 ? 8.943   -11.281 4.116   1.00 25.58 ? 60  CYS A CB  1 
ATOM   397 S  SG  . CYS A 1 61 ? 8.991   -10.647 2.406   1.00 24.16 ? 60  CYS A SG  1 
ATOM   398 N  N   . ALA A 1 62 ? 10.480  -12.598 6.499   1.00 30.82 ? 61  ALA A N   1 
ATOM   399 C  CA  . ALA A 1 62 ? 10.621  -13.005 7.909   1.00 32.49 ? 61  ALA A CA  1 
ATOM   400 C  C   . ALA A 1 62 ? 9.689   -12.149 8.751   1.00 33.46 ? 61  ALA A C   1 
ATOM   401 O  O   . ALA A 1 62 ? 8.489   -12.462 8.781   1.00 33.76 ? 61  ALA A O   1 
ATOM   402 C  CB  . ALA A 1 62 ? 12.095  -12.814 8.289   1.00 0.00  ? 61  ALA A CB  1 
ATOM   403 O  OXT . ALA A 1 62 ? 10.142  -11.124 9.261   1.00 34.15 ? 61  ALA A OXT 1 
HETATM 404 CD CD  . CD  B 2 .  ? 7.244   -12.005 1.254   1.00 26.01 ? 62  CD  A CD  1 
HETATM 405 CD CD  . CD  C 2 .  ? 5.368   -6.452  -0.347  1.00 19.66 ? 63  CD  A CD  1 
HETATM 406 CD CD  . CD  D 2 .  ? 7.879   -8.302  2.502   1.00 21.10 ? 64  CD  A CD  1 
HETATM 407 CD CD  . CD  E 2 .  ? 4.389   -9.722  1.779   1.00 27.19 ? 65  CD  A CD  1 
HETATM 408 CD CD  . CD  F 2 .  ? -6.400  7.035   -2.512  1.00 21.93 ? 66  CD  A CD  1 
HETATM 409 ZN ZN  . ZN  G 3 .  ? -5.021  6.406   1.029   1.00 18.57 ? 67  ZN  A ZN  1 
HETATM 410 ZN ZN  . ZN  H 3 .  ? -6.591  9.824   0.092   1.00 22.65 ? 68  ZN  A ZN  1 
HETATM 411 NA NA  . NA  I 4 .  ? 0.982   5.842   0.180   1.00 25.43 ? 69  NA  A NA  1 
HETATM 412 O  O   . HOH J 5 .  ? 1.342   4.669   -1.072  1.00 32.43 ? 70  HOH A O   1 
HETATM 413 O  O   . HOH J 5 .  ? -0.874  4.060   0.914   1.00 19.30 ? 71  HOH A O   1 
HETATM 414 O  O   . HOH J 5 .  ? 0.025   7.051   -0.553  1.00 20.63 ? 72  HOH A O   1 
HETATM 415 O  O   . HOH J 5 .  ? -2.522  -10.320 6.378   1.00 41.77 ? 73  HOH A O   1 
HETATM 416 O  O   . HOH J 5 .  ? -12.987 11.443  -3.940  1.00 37.06 ? 74  HOH A O   1 
HETATM 417 O  O   . HOH J 5 .  ? -10.764 4.997   -8.621  1.00 46.63 ? 75  HOH A O   1 
HETATM 418 O  O   . HOH J 5 .  ? -9.801  -3.329  -2.134  1.00 49.76 ? 76  HOH A O   1 
HETATM 419 O  O   . HOH J 5 .  ? -1.170  -1.156  -8.270  1.00 41.10 ? 77  HOH A O   1 
HETATM 420 O  O   . HOH J 5 .  ? 1.235   6.165   -5.265  1.00 20.96 ? 78  HOH A O   1 
HETATM 421 O  O   . HOH J 5 .  ? -0.193  13.506  -3.948  1.00 25.87 ? 79  HOH A O   1 
HETATM 422 O  O   . HOH J 5 .  ? -0.837  -2.006  5.128   1.00 29.62 ? 80  HOH A O   1 
HETATM 423 O  O   . HOH J 5 .  ? -0.297  -5.974  5.336   1.00 31.12 ? 81  HOH A O   1 
HETATM 424 O  O   . HOH J 5 .  ? 9.598   -13.942 -3.058  1.00 27.58 ? 82  HOH A O   1 
HETATM 425 O  O   . HOH J 5 .  ? 0.810   -11.825 -8.574  1.00 40.83 ? 83  HOH A O   1 
HETATM 426 O  O   . HOH J 5 .  ? 8.100   1.780   9.869   1.00 42.51 ? 84  HOH A O   1 
HETATM 427 O  O   . HOH J 5 .  ? 10.338  -1.487  3.731   1.00 48.86 ? 85  HOH A O   1 
HETATM 428 O  O   . HOH J 5 .  ? 7.168   -1.485  -0.681  1.00 34.93 ? 86  HOH A O   1 
HETATM 429 O  O   . HOH J 5 .  ? 11.457  -6.341  8.058   1.00 37.70 ? 87  HOH A O   1 
HETATM 430 O  O   . HOH J 5 .  ? 5.882   -0.963  9.548   1.00 28.35 ? 88  HOH A O   1 
HETATM 431 O  O   . HOH J 5 .  ? -5.198  14.771  -1.851  1.00 37.55 ? 89  HOH A O   1 
HETATM 432 O  O   . HOH J 5 .  ? 11.765  -1.291  10.194  1.00 52.69 ? 90  HOH A O   1 
HETATM 433 O  O   . HOH J 5 .  ? 0.671   -1.314  -5.995  1.00 35.13 ? 91  HOH A O   1 
HETATM 434 O  O   . HOH J 5 .  ? 6.204   -2.897  -5.576  1.00 25.30 ? 92  HOH A O   1 
HETATM 435 O  O   . HOH J 5 .  ? -1.670  14.366  -1.337  1.00 30.61 ? 93  HOH A O   1 
HETATM 436 O  O   . HOH J 5 .  ? 8.599   -7.890  -8.424  1.00 53.06 ? 94  HOH A O   1 
HETATM 437 O  O   . HOH J 5 .  ? -1.989  -2.432  0.537   1.00 53.89 ? 95  HOH A O   1 
HETATM 438 O  O   . HOH J 5 .  ? 5.771   -4.643  2.744   1.00 16.92 ? 96  HOH A O   1 
HETATM 439 O  O   . HOH J 5 .  ? -5.184  21.925  -1.423  1.00 44.80 ? 97  HOH A O   1 
HETATM 440 O  O   . HOH J 5 .  ? 0.862   17.592  -0.023  1.00 48.54 ? 98  HOH A O   1 
HETATM 441 O  O   . HOH J 5 .  ? -1.147  16.771  2.609   1.00 46.88 ? 99  HOH A O   1 
HETATM 442 O  O   . HOH J 5 .  ? -1.349  -7.073  -4.169  1.00 48.03 ? 100 HOH A O   1 
HETATM 443 O  O   . HOH J 5 .  ? 11.634  -8.670  5.675   1.00 40.81 ? 101 HOH A O   1 
HETATM 444 O  O   . HOH J 5 .  ? -7.119  17.376  7.535   1.00 46.49 ? 102 HOH A O   1 
HETATM 445 O  O   . HOH J 5 .  ? 9.068   -5.374  -7.362  1.00 48.48 ? 103 HOH A O   1 
HETATM 446 O  O   . HOH J 5 .  ? -11.318 5.125   -0.437  1.00 39.56 ? 104 HOH A O   1 
HETATM 447 O  O   . HOH J 5 .  ? -2.280  13.824  2.020   1.00 40.43 ? 105 HOH A O   1 
HETATM 448 O  O   . HOH J 5 .  ? 5.901   -11.983 6.209   1.00 52.78 ? 106 HOH A O   1 
HETATM 449 O  O   . HOH J 5 .  ? 11.310  -16.492 4.727   1.00 39.11 ? 107 HOH A O   1 
HETATM 450 O  O   . HOH J 5 .  ? -6.064  -0.730  2.754   1.00 44.18 ? 108 HOH A O   1 
HETATM 451 O  O   . HOH J 5 .  ? -3.055  -6.530  -0.695  1.00 50.28 ? 110 HOH A O   1 
HETATM 452 O  O   . HOH J 5 .  ? -9.101  22.321  -2.718  1.00 31.87 ? 111 HOH A O   1 
HETATM 453 O  O   . HOH J 5 .  ? 1.845   -5.139  -4.386  1.00 38.14 ? 112 HOH A O   1 
HETATM 454 O  O   . HOH J 5 .  ? 11.118  -1.473  -8.309  1.00 55.19 ? 113 HOH A O   1 
HETATM 455 O  O   . HOH J 5 .  ? -15.191 1.296   -0.507  1.00 51.13 ? 114 HOH A O   1 
HETATM 456 O  O   . HOH J 5 .  ? -3.341  14.186  7.184   1.00 44.00 ? 115 HOH A O   1 
HETATM 457 O  O   . HOH J 5 .  ? -3.132  0.521   -13.762 1.00 43.86 ? 116 HOH A O   1 
HETATM 458 O  O   . HOH J 5 .  ? -7.347  -1.243  -11.806 1.00 57.67 ? 117 HOH A O   1 
HETATM 459 O  O   . HOH J 5 .  ? -10.791 -0.591  -7.205  1.00 44.97 ? 118 HOH A O   1 
HETATM 460 O  O   . HOH J 5 .  ? 12.379  -6.762  -8.742  1.00 48.77 ? 119 HOH A O   1 
HETATM 461 O  O   . HOH J 5 .  ? 0.448   -11.112 -0.845  1.00 36.80 ? 120 HOH A O   1 
HETATM 462 O  O   . HOH J 5 .  ? 6.957   -14.663 8.444   1.00 38.88 ? 122 HOH A O   1 
HETATM 463 O  O   . HOH J 5 .  ? 3.570   -13.753 6.566   1.00 48.84 ? 123 HOH A O   1 
HETATM 464 O  O   . HOH J 5 .  ? -4.706  11.467  -4.382  1.00 30.98 ? 124 HOH A O   1 
HETATM 465 O  O   . HOH J 5 .  ? -5.700  17.927  4.995   1.00 51.45 ? 125 HOH A O   1 
HETATM 466 O  O   . HOH J 5 .  ? -9.837  -0.687  -4.578  1.00 33.32 ? 126 HOH A O   1 
HETATM 467 O  O   . HOH J 5 .  ? -0.762  -4.216  -3.368  1.00 51.60 ? 127 HOH A O   1 
HETATM 468 O  O   . HOH J 5 .  ? -4.993  -10.802 4.345   1.00 53.97 ? 128 HOH A O   1 
HETATM 469 O  O   . HOH J 5 .  ? -9.951  16.364  -6.737  1.00 46.49 ? 129 HOH A O   1 
HETATM 470 O  O   . HOH J 5 .  ? -4.643  20.008  3.293   1.00 46.88 ? 130 HOH A O   1 
HETATM 471 O  O   . HOH J 5 .  ? 12.174  -3.578  -11.274 1.00 47.42 ? 131 HOH A O   1 
HETATM 472 O  O   . HOH J 5 .  ? 4.993   -8.052  -7.205  1.00 42.54 ? 132 HOH A O   1 
HETATM 473 O  O   . HOH J 5 .  ? 9.304   -17.055 7.096   1.00 40.13 ? 133 HOH A O   1 
HETATM 474 O  O   . HOH J 5 .  ? 0.704   -8.288  -6.789  1.00 41.47 ? 134 HOH A O   1 
HETATM 475 O  O   . HOH J 5 .  ? 3.275   15.744  3.504   1.00 46.22 ? 135 HOH A O   1 
HETATM 476 O  O   . HOH J 5 .  ? 4.497   12.115  4.039   1.00 42.94 ? 136 HOH A O   1 
HETATM 477 O  O   . HOH J 5 .  ? 7.889   -8.759  7.238   1.00 33.06 ? 137 HOH A O   1 
HETATM 478 O  O   . HOH J 5 .  ? 3.978   -18.052 0.361   1.00 43.74 ? 138 HOH A O   1 
HETATM 479 O  O   . HOH J 5 .  ? -11.804 0.924   -9.143  1.00 42.76 ? 139 HOH A O   1 
HETATM 480 O  O   . HOH J 5 .  ? -17.055 7.655   -1.882  1.00 49.14 ? 199 HOH A O   1 
# 
